data_4WBT
#
_entry.id   4WBT
#
_cell.length_a   131.055
_cell.length_b   64.322
_cell.length_c   137.048
_cell.angle_alpha   90.000
_cell.angle_beta   93.240
_cell.angle_gamma   90.000
#
_symmetry.space_group_name_H-M   'C 1 2 1'
#
loop_
_entity.id
_entity.type
_entity.pdbx_description
1 polymer 'Probable histidinol-phosphate aminotransferase'
2 non-polymer "PYRIDOXAL-5'-PHOSPHATE"
3 non-polymer GLYCEROL
4 non-polymer DI(HYDROXYETHYL)ETHER
5 non-polymer 'TRIETHYLENE GLYCOL'
6 non-polymer 2-{2-[2-(2-{2-[2-(2-ETHOXY-ETHOXY)-ETHOXY]-ETHOXY}-ETHOXY)-ETHOXY]-ETHOXY}-ETHANOL
7 water water
#
_entity_poly.entity_id   1
_entity_poly.type   'polypeptide(L)'
_entity_poly.pdbx_seq_one_letter_code
;FQS(MSE)SAFSRFTPLIQSLPASVPFVGPEALERQHGRKIAARIGANESGFGPAPSVLLAIRQAAGDTWKYADPENHDL
KQALARHLGTSPANIAIGEGIDGLLGQIVRLVVEAGAPVVTSLGGYPTFNYHVAGHGGRLVTVPYADDREDLEGLLAAVG
RENAPLVYLANPDNP(MSE)GSWWPAERVVAFAQALPETTLLVLDEAY(CSX)ETAPRDALPPIESLIDKPNVIRARTFS
KAYGLAGARIGYTLSTPGTAQAFDKIRNHFG(MSE)SRIGVAAAIAALADQDYLKEVTLKIANSRQRIGRIAADSGLAPL
PSATNFVAVDCGKDASYARAIVDRL(MSE)SDHGIFIR(MSE)PGVAPLNRCIRISTAPDAE(MSE)DLLAAALPEVIRS
LAAT
;
_entity_poly.pdbx_strand_id   A,B,C
#
# COMPACT_ATOMS: atom_id res chain seq x y z
N PHE A 1 -4.55 -2.29 12.06
CA PHE A 1 -3.16 -1.99 12.51
C PHE A 1 -3.21 -1.04 13.69
N GLN A 2 -2.27 -1.22 14.62
CA GLN A 2 -1.98 -0.18 15.57
C GLN A 2 -0.50 -0.15 15.95
N SER A 3 -0.08 1.06 16.33
CA SER A 3 1.30 1.38 16.59
C SER A 3 1.73 0.79 17.91
N SER A 5 2.96 2.30 20.46
CA SER A 5 2.62 3.06 21.68
C SER A 5 1.14 3.04 21.99
N ALA A 6 0.33 2.39 21.15
CA ALA A 6 -1.09 2.29 21.43
C ALA A 6 -1.36 1.32 22.60
N PHE A 7 -2.38 1.64 23.39
CA PHE A 7 -2.83 0.73 24.44
C PHE A 7 -2.96 -0.68 23.87
N SER A 8 -2.45 -1.66 24.60
CA SER A 8 -2.27 -3.00 24.05
C SER A 8 -3.54 -3.86 24.07
N ARG A 9 -4.60 -3.38 24.75
CA ARG A 9 -5.87 -4.12 24.94
CA ARG A 9 -5.87 -4.14 24.93
C ARG A 9 -7.10 -3.35 24.42
N PHE A 10 -6.91 -2.60 23.32
CA PHE A 10 -8.06 -2.09 22.57
C PHE A 10 -8.74 -3.36 22.07
N THR A 11 -10.03 -3.29 21.81
CA THR A 11 -10.74 -4.51 21.39
C THR A 11 -10.11 -5.08 20.11
N PRO A 12 -10.29 -6.38 19.86
CA PRO A 12 -9.76 -6.90 18.62
C PRO A 12 -10.32 -6.21 17.37
N LEU A 13 -11.59 -5.85 17.41
CA LEU A 13 -12.18 -5.08 16.32
C LEU A 13 -11.39 -3.80 16.09
N ILE A 14 -11.17 -3.04 17.16
CA ILE A 14 -10.48 -1.75 17.05
C ILE A 14 -9.07 -1.94 16.48
N GLN A 15 -8.38 -2.97 16.99
CA GLN A 15 -7.02 -3.22 16.54
C GLN A 15 -6.98 -3.49 15.05
N SER A 16 -8.02 -4.11 14.52
CA SER A 16 -8.09 -4.44 13.10
C SER A 16 -8.40 -3.26 12.16
N LEU A 17 -8.97 -2.18 12.67
CA LEU A 17 -9.44 -1.07 11.80
C LEU A 17 -8.25 -0.25 11.29
N PHE A 23 -11.63 11.25 3.29
CA PHE A 23 -11.61 12.53 2.59
C PHE A 23 -10.60 13.48 3.21
N VAL A 24 -9.85 14.19 2.36
CA VAL A 24 -9.03 15.30 2.81
C VAL A 24 -9.92 16.53 2.94
N GLY A 25 -9.94 17.16 4.12
CA GLY A 25 -10.76 18.36 4.36
C GLY A 25 -10.17 19.58 3.69
N PRO A 26 -10.99 20.62 3.48
CA PRO A 26 -10.50 21.78 2.74
C PRO A 26 -9.38 22.51 3.51
N GLU A 27 -9.43 22.51 4.85
CA GLU A 27 -8.39 23.16 5.65
C GLU A 27 -7.05 22.49 5.42
N ALA A 28 -7.05 21.16 5.33
CA ALA A 28 -5.84 20.42 5.04
C ALA A 28 -5.32 20.75 3.63
N LEU A 29 -6.24 20.92 2.68
CA LEU A 29 -5.84 21.29 1.32
C LEU A 29 -5.18 22.67 1.31
N GLU A 30 -5.72 23.60 2.07
CA GLU A 30 -5.11 24.93 2.19
C GLU A 30 -3.71 24.85 2.76
N ARG A 31 -3.53 24.01 3.78
CA ARG A 31 -2.19 23.84 4.33
C ARG A 31 -1.23 23.19 3.33
N GLN A 32 -1.71 22.18 2.60
CA GLN A 32 -0.89 21.47 1.61
CA GLN A 32 -0.87 21.51 1.60
C GLN A 32 -0.49 22.39 0.44
N HIS A 33 -1.40 23.22 -0.01
CA HIS A 33 -1.14 24.12 -1.16
C HIS A 33 -0.64 25.50 -0.74
N GLY A 34 -0.64 25.79 0.55
CA GLY A 34 -0.17 27.08 1.08
C GLY A 34 -0.95 28.28 0.59
N ARG A 35 -2.27 28.12 0.42
CA ARG A 35 -3.13 29.18 -0.12
C ARG A 35 -4.54 28.98 0.45
N LYS A 36 -5.30 30.07 0.59
CA LYS A 36 -6.69 29.99 1.00
C LYS A 36 -7.50 29.55 -0.21
N ILE A 37 -8.55 28.79 0.04
CA ILE A 37 -9.41 28.36 -1.02
C ILE A 37 -10.16 29.60 -1.52
N ALA A 38 -10.17 29.77 -2.83
CA ALA A 38 -10.92 30.87 -3.47
C ALA A 38 -12.40 30.50 -3.73
N ALA A 39 -12.67 29.22 -3.99
CA ALA A 39 -14.04 28.74 -4.14
C ALA A 39 -14.15 27.41 -3.43
N ARG A 40 -14.89 27.44 -2.34
CA ARG A 40 -15.05 26.28 -1.48
C ARG A 40 -16.32 25.54 -1.91
N ILE A 41 -16.16 24.62 -2.84
CA ILE A 41 -17.32 24.00 -3.52
C ILE A 41 -17.13 22.48 -3.68
N GLY A 42 -16.59 21.89 -2.63
CA GLY A 42 -16.27 20.47 -2.64
C GLY A 42 -16.89 19.62 -1.53
N ALA A 43 -17.49 20.24 -0.52
CA ALA A 43 -18.01 19.49 0.62
C ALA A 43 -19.50 19.71 0.82
N ASN A 44 -20.16 20.29 -0.19
CA ASN A 44 -21.60 20.52 -0.15
C ASN A 44 -22.05 21.43 0.99
N GLU A 45 -21.12 22.27 1.46
CA GLU A 45 -21.45 23.33 2.42
C GLU A 45 -22.18 24.40 1.65
N SER A 46 -23.12 25.08 2.29
CA SER A 46 -23.90 26.10 1.60
C SER A 46 -23.28 27.47 1.80
N GLY A 47 -22.52 27.92 0.79
CA GLY A 47 -21.88 29.22 0.84
C GLY A 47 -22.87 30.40 0.78
N PHE A 48 -24.13 30.11 0.47
CA PHE A 48 -25.20 31.11 0.60
C PHE A 48 -25.38 31.50 2.05
N GLY A 49 -25.04 30.60 2.95
CA GLY A 49 -25.12 30.86 4.39
C GLY A 49 -26.50 30.62 4.96
N PRO A 50 -26.60 30.63 6.28
CA PRO A 50 -27.90 30.58 6.95
C PRO A 50 -28.59 31.96 6.91
N ALA A 51 -29.84 32.00 7.34
CA ALA A 51 -30.60 33.21 7.26
C ALA A 51 -29.97 34.32 8.11
N PRO A 52 -30.13 35.58 7.68
CA PRO A 52 -29.76 36.67 8.58
C PRO A 52 -30.36 36.55 9.99
N SER A 53 -31.59 36.08 10.09
CA SER A 53 -32.25 35.92 11.40
C SER A 53 -31.54 34.86 12.25
N VAL A 54 -30.94 33.87 11.59
CA VAL A 54 -30.21 32.80 12.25
C VAL A 54 -28.88 33.35 12.78
N LEU A 55 -28.19 34.17 11.99
CA LEU A 55 -26.97 34.80 12.46
C LEU A 55 -27.26 35.65 13.69
N LEU A 56 -28.39 36.36 13.67
CA LEU A 56 -28.78 37.16 14.82
C LEU A 56 -29.04 36.27 16.03
N ALA A 57 -29.73 35.14 15.82
CA ALA A 57 -30.02 34.22 16.93
C ALA A 57 -28.74 33.67 17.55
N ILE A 58 -27.75 33.34 16.72
CA ILE A 58 -26.47 32.87 17.20
C ILE A 58 -25.79 33.93 18.05
N ARG A 59 -25.77 35.15 17.57
CA ARG A 59 -25.11 36.23 18.29
C ARG A 59 -25.80 36.52 19.61
N GLN A 60 -27.10 36.41 19.62
CA GLN A 60 -27.88 36.60 20.85
C GLN A 60 -27.72 35.45 21.83
N ALA A 61 -27.50 34.24 21.33
CA ALA A 61 -27.33 33.05 22.20
C ALA A 61 -25.93 32.92 22.79
N ALA A 62 -24.96 33.65 22.24
CA ALA A 62 -23.56 33.52 22.62
C ALA A 62 -23.37 33.62 24.12
N GLY A 63 -24.06 34.58 24.75
CA GLY A 63 -23.88 34.79 26.17
C GLY A 63 -24.37 33.67 27.06
N ASP A 64 -25.18 32.77 26.52
CA ASP A 64 -25.70 31.61 27.26
C ASP A 64 -24.87 30.33 27.06
N THR A 65 -23.73 30.44 26.39
CA THR A 65 -23.01 29.22 26.02
CA THR A 65 -22.92 29.26 26.01
C THR A 65 -22.29 28.55 27.20
N TRP A 66 -22.32 29.17 28.35
CA TRP A 66 -21.82 28.55 29.58
C TRP A 66 -22.76 27.45 30.11
N LYS A 67 -24.00 27.43 29.61
CA LYS A 67 -24.97 26.42 30.01
C LYS A 67 -24.91 25.22 29.09
N TYR A 68 -25.04 24.01 29.64
CA TYR A 68 -25.32 22.86 28.79
C TYR A 68 -26.67 23.02 28.06
N ALA A 69 -26.76 22.48 26.86
CA ALA A 69 -28.08 22.37 26.20
C ALA A 69 -29.05 21.54 27.05
N ASP A 70 -30.35 21.78 26.87
CA ASP A 70 -31.38 20.92 27.44
C ASP A 70 -31.13 19.50 26.93
N PRO A 71 -30.85 18.54 27.82
CA PRO A 71 -30.61 17.16 27.35
C PRO A 71 -31.83 16.51 26.71
N GLU A 72 -33.03 17.01 27.00
CA GLU A 72 -34.25 16.50 26.33
C GLU A 72 -34.51 17.11 24.96
N ASN A 73 -33.78 18.18 24.62
CA ASN A 73 -33.98 18.90 23.35
C ASN A 73 -35.46 19.30 23.15
N HIS A 74 -36.10 19.69 24.23
CA HIS A 74 -37.55 19.83 24.19
C HIS A 74 -38.03 20.88 23.21
N ASP A 75 -37.45 22.09 23.27
CA ASP A 75 -37.92 23.17 22.38
C ASP A 75 -37.65 22.85 20.90
N LEU A 76 -36.51 22.22 20.61
CA LEU A 76 -36.18 21.87 19.23
C LEU A 76 -37.15 20.79 18.69
N LYS A 77 -37.43 19.78 19.51
CA LYS A 77 -38.39 18.75 19.10
C LYS A 77 -39.78 19.33 18.89
N GLN A 78 -40.19 20.24 19.77
CA GLN A 78 -41.50 20.88 19.61
C GLN A 78 -41.55 21.69 18.32
N ALA A 79 -40.46 22.40 18.01
CA ALA A 79 -40.41 23.21 16.79
C ALA A 79 -40.48 22.33 15.56
N LEU A 80 -39.74 21.23 15.58
CA LEU A 80 -39.76 20.30 14.46
C LEU A 80 -41.11 19.64 14.30
N ALA A 81 -41.72 19.26 15.41
CA ALA A 81 -43.04 18.63 15.37
C ALA A 81 -44.04 19.57 14.73
N ARG A 82 -43.99 20.84 15.08
CA ARG A 82 -44.89 21.82 14.49
C ARG A 82 -44.66 22.01 12.99
N HIS A 83 -43.38 22.09 12.62
CA HIS A 83 -43.01 22.30 11.23
C HIS A 83 -43.40 21.12 10.35
N LEU A 84 -43.22 19.90 10.89
CA LEU A 84 -43.43 18.67 10.14
C LEU A 84 -44.85 18.12 10.17
N GLY A 85 -45.62 18.49 11.19
CA GLY A 85 -46.92 17.95 11.40
C GLY A 85 -46.86 16.52 11.89
N THR A 86 -46.06 16.30 12.95
CA THR A 86 -45.96 14.99 13.55
C THR A 86 -45.80 15.11 15.07
N SER A 87 -45.85 13.99 15.78
CA SER A 87 -45.62 13.98 17.21
C SER A 87 -44.12 14.16 17.53
N PRO A 88 -43.80 14.93 18.58
CA PRO A 88 -42.39 15.06 18.99
C PRO A 88 -41.84 13.72 19.49
N ALA A 89 -42.74 12.78 19.83
CA ALA A 89 -42.30 11.47 20.27
C ALA A 89 -41.66 10.68 19.12
N ASN A 90 -41.90 11.11 17.87
CA ASN A 90 -41.37 10.45 16.69
C ASN A 90 -39.96 10.95 16.32
N ILE A 91 -39.44 11.91 17.11
CA ILE A 91 -38.25 12.65 16.68
C ILE A 91 -37.06 12.42 17.63
N ALA A 92 -35.90 12.12 17.06
CA ALA A 92 -34.67 12.03 17.82
C ALA A 92 -33.75 13.09 17.26
N ILE A 93 -32.94 13.66 18.15
CA ILE A 93 -32.00 14.70 17.76
C ILE A 93 -30.60 14.15 17.90
N GLY A 94 -29.73 14.49 16.95
CA GLY A 94 -28.32 14.08 17.04
C GLY A 94 -27.35 15.06 16.42
N GLU A 95 -26.09 14.67 16.44
CA GLU A 95 -24.96 15.52 15.97
CA GLU A 95 -24.96 15.52 15.97
C GLU A 95 -24.77 15.37 14.47
N GLY A 96 -25.73 15.99 13.78
CA GLY A 96 -25.90 15.85 12.36
C GLY A 96 -26.42 14.49 11.97
N ILE A 97 -26.72 14.31 10.69
CA ILE A 97 -27.02 13.01 10.17
C ILE A 97 -25.84 12.05 10.39
N ASP A 98 -24.61 12.54 10.28
CA ASP A 98 -23.47 11.65 10.45
C ASP A 98 -23.46 11.05 11.85
N GLY A 99 -23.78 11.85 12.84
CA GLY A 99 -23.83 11.36 14.21
C GLY A 99 -24.94 10.36 14.40
N LEU A 100 -26.10 10.68 13.85
CA LEU A 100 -27.25 9.79 13.89
C LEU A 100 -26.99 8.46 13.19
N LEU A 101 -26.30 8.50 12.06
CA LEU A 101 -25.98 7.26 11.35
C LEU A 101 -25.13 6.36 12.22
N GLY A 102 -24.16 6.93 12.94
CA GLY A 102 -23.31 6.14 13.82
C GLY A 102 -24.13 5.47 14.90
N GLN A 103 -25.06 6.22 15.44
CA GLN A 103 -25.96 5.68 16.45
C GLN A 103 -26.83 4.56 15.89
N ILE A 104 -27.40 4.77 14.71
CA ILE A 104 -28.24 3.74 14.08
C ILE A 104 -27.46 2.46 13.87
N VAL A 105 -26.23 2.56 13.37
CA VAL A 105 -25.40 1.36 13.21
C VAL A 105 -25.21 0.69 14.56
N ARG A 106 -24.90 1.46 15.60
CA ARG A 106 -24.69 0.92 16.93
C ARG A 106 -25.94 0.18 17.46
N LEU A 107 -27.11 0.71 17.15
CA LEU A 107 -28.35 0.12 17.64
C LEU A 107 -28.67 -1.26 17.06
N VAL A 108 -28.19 -1.53 15.84
CA VAL A 108 -28.60 -2.70 15.08
CA VAL A 108 -28.62 -2.77 15.16
C VAL A 108 -27.49 -3.69 14.72
N VAL A 109 -26.28 -3.20 14.61
CA VAL A 109 -25.20 -3.98 14.02
C VAL A 109 -24.29 -4.66 15.04
N GLU A 110 -24.36 -5.99 15.06
CA GLU A 110 -23.46 -6.85 15.84
C GLU A 110 -22.29 -7.23 14.94
N ALA A 111 -21.14 -7.56 15.54
CA ALA A 111 -19.97 -7.93 14.75
C ALA A 111 -20.33 -9.03 13.76
N GLY A 112 -19.98 -8.81 12.51
CA GLY A 112 -20.24 -9.75 11.45
C GLY A 112 -21.57 -9.59 10.75
N ALA A 113 -22.48 -8.77 11.28
CA ALA A 113 -23.79 -8.64 10.62
C ALA A 113 -23.65 -7.94 9.28
N PRO A 114 -24.35 -8.45 8.26
CA PRO A 114 -24.32 -7.79 6.95
C PRO A 114 -25.15 -6.52 6.93
N VAL A 115 -24.63 -5.49 6.28
CA VAL A 115 -25.31 -4.20 6.15
C VAL A 115 -25.26 -3.81 4.68
N VAL A 116 -26.43 -3.50 4.12
CA VAL A 116 -26.55 -3.30 2.69
C VAL A 116 -26.54 -1.80 2.33
N THR A 117 -25.74 -1.46 1.34
CA THR A 117 -25.73 -0.10 0.83
C THR A 117 -25.29 -0.10 -0.63
N SER A 118 -25.23 1.08 -1.24
CA SER A 118 -24.78 1.19 -2.61
C SER A 118 -23.28 1.30 -2.74
N LEU A 119 -22.75 0.70 -3.79
CA LEU A 119 -21.32 0.77 -4.10
C LEU A 119 -20.95 2.17 -4.52
N GLY A 120 -20.11 2.83 -3.75
CA GLY A 120 -19.75 4.23 -4.05
C GLY A 120 -20.73 5.23 -3.45
N GLY A 121 -21.63 4.74 -2.62
CA GLY A 121 -22.56 5.57 -1.90
C GLY A 121 -21.92 6.29 -0.72
N TYR A 122 -22.74 7.02 0.02
CA TYR A 122 -22.29 7.93 1.05
C TYR A 122 -21.26 7.28 2.00
N PRO A 123 -20.02 7.76 1.99
CA PRO A 123 -18.92 7.00 2.65
C PRO A 123 -18.96 6.98 4.16
N THR A 124 -19.57 7.98 4.78
CA THR A 124 -19.58 8.01 6.25
C THR A 124 -20.40 6.86 6.80
N PHE A 125 -21.43 6.45 6.06
CA PHE A 125 -22.20 5.33 6.49
C PHE A 125 -21.27 4.09 6.53
N ASN A 126 -20.50 3.89 5.47
CA ASN A 126 -19.58 2.74 5.41
C ASN A 126 -18.56 2.75 6.56
N TYR A 127 -18.05 3.94 6.86
CA TYR A 127 -17.13 4.12 8.00
C TYR A 127 -17.72 3.64 9.29
N HIS A 128 -18.99 4.02 9.56
CA HIS A 128 -19.63 3.56 10.78
C HIS A 128 -19.88 2.05 10.81
N VAL A 129 -20.29 1.51 9.69
CA VAL A 129 -20.51 0.08 9.61
C VAL A 129 -19.22 -0.68 9.93
N ALA A 130 -18.12 -0.30 9.27
CA ALA A 130 -16.85 -0.98 9.52
C ALA A 130 -16.42 -0.85 10.96
N GLY A 131 -16.62 0.34 11.51
CA GLY A 131 -16.19 0.63 12.87
C GLY A 131 -16.94 -0.15 13.95
N HIS A 132 -18.13 -0.64 13.62
CA HIS A 132 -18.90 -1.51 14.52
C HIS A 132 -18.82 -2.99 14.15
N GLY A 133 -17.97 -3.34 13.19
CA GLY A 133 -17.72 -4.72 12.84
C GLY A 133 -18.72 -5.32 11.89
N GLY A 134 -19.55 -4.47 11.27
CA GLY A 134 -20.45 -4.94 10.25
C GLY A 134 -19.74 -5.36 8.99
N ARG A 135 -20.39 -6.22 8.24
CA ARG A 135 -19.90 -6.65 6.93
C ARG A 135 -20.67 -5.89 5.87
N LEU A 136 -20.00 -5.02 5.15
CA LEU A 136 -20.67 -4.21 4.13
C LEU A 136 -20.97 -5.05 2.89
N VAL A 137 -22.21 -4.95 2.44
CA VAL A 137 -22.68 -5.62 1.25
C VAL A 137 -23.07 -4.50 0.30
N THR A 138 -22.33 -4.35 -0.78
CA THR A 138 -22.51 -3.20 -1.68
C THR A 138 -23.21 -3.62 -2.94
N VAL A 139 -24.09 -2.74 -3.41
CA VAL A 139 -24.89 -2.96 -4.61
C VAL A 139 -24.55 -1.86 -5.62
N PRO A 140 -24.07 -2.25 -6.81
CA PRO A 140 -23.80 -1.23 -7.82
C PRO A 140 -25.00 -0.33 -8.14
N TYR A 141 -24.72 0.93 -8.45
CA TYR A 141 -25.75 1.82 -8.96
C TYR A 141 -26.30 1.27 -10.28
N ALA A 142 -27.57 1.56 -10.52
CA ALA A 142 -28.24 1.25 -11.79
C ALA A 142 -28.48 2.58 -12.51
N ASP A 143 -27.77 2.83 -13.59
CA ASP A 143 -27.96 4.09 -14.35
C ASP A 143 -28.00 5.35 -13.48
N ASP A 144 -26.96 5.51 -12.70
CA ASP A 144 -26.78 6.69 -11.86
C ASP A 144 -27.75 6.78 -10.68
N ARG A 145 -28.60 5.77 -10.46
CA ARG A 145 -29.48 5.74 -9.27
CA ARG A 145 -29.47 5.74 -9.27
C ARG A 145 -29.11 4.59 -8.34
N GLU A 146 -29.35 4.80 -7.07
CA GLU A 146 -29.26 3.74 -6.10
C GLU A 146 -30.28 2.67 -6.56
N ASP A 147 -29.81 1.43 -6.68
CA ASP A 147 -30.59 0.34 -7.29
C ASP A 147 -31.57 -0.29 -6.29
N LEU A 148 -32.79 0.23 -6.22
CA LEU A 148 -33.76 -0.23 -5.20
C LEU A 148 -33.96 -1.75 -5.28
N GLU A 149 -34.16 -2.28 -6.48
CA GLU A 149 -34.33 -3.72 -6.69
CA GLU A 149 -34.32 -3.75 -6.65
C GLU A 149 -33.11 -4.53 -6.17
N GLY A 150 -31.93 -4.02 -6.48
CA GLY A 150 -30.69 -4.64 -6.07
C GLY A 150 -30.48 -4.57 -4.56
N LEU A 151 -30.85 -3.45 -3.95
CA LEU A 151 -30.75 -3.31 -2.47
C LEU A 151 -31.68 -4.32 -1.80
N LEU A 152 -32.89 -4.40 -2.31
CA LEU A 152 -33.87 -5.34 -1.75
C LEU A 152 -33.37 -6.77 -1.91
N ALA A 153 -32.77 -7.09 -3.06
CA ALA A 153 -32.25 -8.45 -3.26
C ALA A 153 -31.13 -8.81 -2.32
N ALA A 154 -30.24 -7.86 -2.11
CA ALA A 154 -29.14 -8.07 -1.20
C ALA A 154 -29.64 -8.23 0.23
N VAL A 155 -30.62 -7.44 0.64
CA VAL A 155 -31.20 -7.59 1.98
C VAL A 155 -31.77 -9.00 2.14
N GLY A 156 -32.52 -9.45 1.12
CA GLY A 156 -33.15 -10.75 1.19
C GLY A 156 -32.15 -11.87 1.26
N ARG A 157 -31.13 -11.79 0.44
CA ARG A 157 -30.09 -12.81 0.36
C ARG A 157 -29.35 -12.96 1.69
N GLU A 158 -29.09 -11.82 2.33
CA GLU A 158 -28.27 -11.77 3.52
C GLU A 158 -29.06 -11.78 4.83
N ASN A 159 -30.38 -11.64 4.76
CA ASN A 159 -31.24 -11.29 5.91
C ASN A 159 -30.63 -10.13 6.73
N ALA A 160 -30.23 -9.09 6.02
CA ALA A 160 -29.47 -8.02 6.63
C ALA A 160 -30.35 -7.21 7.56
N PRO A 161 -29.85 -6.86 8.75
CA PRO A 161 -30.67 -6.09 9.67
C PRO A 161 -30.74 -4.61 9.37
N LEU A 162 -29.93 -4.13 8.42
CA LEU A 162 -29.81 -2.72 8.15
C LEU A 162 -29.55 -2.47 6.68
N VAL A 163 -30.24 -1.48 6.11
CA VAL A 163 -29.99 -1.05 4.73
C VAL A 163 -30.08 0.47 4.69
N TYR A 164 -29.21 1.05 3.88
CA TYR A 164 -29.11 2.51 3.71
C TYR A 164 -29.61 2.90 2.31
N LEU A 165 -30.43 3.95 2.26
CA LEU A 165 -30.86 4.56 0.98
C LEU A 165 -30.83 6.07 1.16
N ALA A 166 -30.13 6.77 0.27
CA ALA A 166 -30.19 8.23 0.27
C ALA A 166 -31.10 8.66 -0.87
N ASN A 167 -32.08 9.51 -0.59
CA ASN A 167 -32.96 10.02 -1.67
C ASN A 167 -33.33 11.46 -1.34
N PRO A 168 -32.85 12.44 -2.11
CA PRO A 168 -31.91 12.27 -3.22
C PRO A 168 -30.53 11.71 -2.83
N ASP A 169 -29.83 11.21 -3.83
CA ASP A 169 -28.57 10.51 -3.65
C ASP A 169 -27.34 11.45 -3.65
N ASN A 170 -26.32 11.05 -2.89
CA ASN A 170 -24.96 11.65 -2.94
C ASN A 170 -24.05 10.47 -3.26
N PRO A 171 -23.25 10.48 -4.33
CA PRO A 171 -22.76 11.68 -4.98
C PRO A 171 -23.31 11.97 -6.37
N GLY A 173 -26.55 12.76 -7.21
CA GLY A 173 -27.60 13.79 -7.19
C GLY A 173 -28.96 13.30 -7.69
N SER A 174 -29.02 12.00 -8.02
CA SER A 174 -30.22 11.42 -8.63
C SER A 174 -31.28 11.14 -7.56
N TRP A 175 -32.48 10.78 -8.02
CA TRP A 175 -33.55 10.50 -7.09
C TRP A 175 -34.59 9.59 -7.70
N TRP A 176 -35.40 9.03 -6.83
CA TRP A 176 -36.55 8.20 -7.19
C TRP A 176 -37.81 8.93 -6.80
N PRO A 177 -38.90 8.66 -7.52
CA PRO A 177 -40.21 9.15 -7.04
C PRO A 177 -40.59 8.56 -5.70
N ALA A 178 -41.33 9.33 -4.93
CA ALA A 178 -41.78 8.93 -3.60
C ALA A 178 -42.45 7.58 -3.59
N GLU A 179 -43.30 7.31 -4.59
CA GLU A 179 -44.02 6.05 -4.61
CA GLU A 179 -44.02 6.04 -4.61
C GLU A 179 -43.10 4.83 -4.73
N ARG A 180 -41.98 4.98 -5.45
CA ARG A 180 -41.01 3.91 -5.60
C ARG A 180 -40.25 3.69 -4.29
N VAL A 181 -39.93 4.77 -3.60
CA VAL A 181 -39.25 4.68 -2.30
C VAL A 181 -40.16 4.00 -1.27
N VAL A 182 -41.43 4.41 -1.24
CA VAL A 182 -42.41 3.80 -0.31
C VAL A 182 -42.57 2.30 -0.61
N ALA A 183 -42.68 1.95 -1.87
CA ALA A 183 -42.83 0.54 -2.25
C ALA A 183 -41.61 -0.28 -1.81
N PHE A 184 -40.42 0.31 -1.99
CA PHE A 184 -39.18 -0.30 -1.54
C PHE A 184 -39.19 -0.50 -0.02
N ALA A 185 -39.52 0.57 0.70
CA ALA A 185 -39.56 0.50 2.17
C ALA A 185 -40.52 -0.57 2.67
N GLN A 186 -41.69 -0.64 2.04
CA GLN A 186 -42.74 -1.58 2.44
C GLN A 186 -42.44 -3.00 2.04
N ALA A 187 -41.54 -3.19 1.07
CA ALA A 187 -41.11 -4.52 0.67
C ALA A 187 -40.04 -5.15 1.54
N LEU A 188 -39.32 -4.34 2.30
CA LEU A 188 -38.33 -4.88 3.19
C LEU A 188 -38.97 -5.74 4.27
N PRO A 189 -38.24 -6.73 4.77
CA PRO A 189 -38.69 -7.48 5.94
C PRO A 189 -38.84 -6.55 7.12
N GLU A 190 -39.80 -6.79 8.01
CA GLU A 190 -39.95 -5.89 9.17
C GLU A 190 -38.82 -6.04 10.16
N THR A 191 -38.01 -7.07 9.96
CA THR A 191 -36.77 -7.29 10.75
C THR A 191 -35.53 -6.65 10.14
N THR A 192 -35.72 -5.85 9.10
CA THR A 192 -34.63 -5.04 8.51
C THR A 192 -34.99 -3.60 8.70
N LEU A 193 -34.05 -2.84 9.26
CA LEU A 193 -34.22 -1.39 9.46
C LEU A 193 -33.70 -0.66 8.23
N LEU A 194 -34.55 0.21 7.67
CA LEU A 194 -34.15 1.10 6.59
C LEU A 194 -33.83 2.45 7.18
N VAL A 195 -32.62 2.95 6.89
CA VAL A 195 -32.34 4.36 7.14
CA VAL A 195 -32.30 4.36 7.10
C VAL A 195 -32.45 5.06 5.78
N LEU A 196 -33.40 5.99 5.74
CA LEU A 196 -33.69 6.76 4.56
C LEU A 196 -33.09 8.16 4.79
N ASP A 197 -31.96 8.39 4.14
CA ASP A 197 -31.17 9.60 4.34
C ASP A 197 -31.69 10.71 3.45
N GLU A 198 -32.37 11.67 4.06
CA GLU A 198 -33.00 12.80 3.35
C GLU A 198 -32.27 14.11 3.67
N ALA A 199 -30.95 14.03 3.67
CA ALA A 199 -30.12 15.25 3.77
C ALA A 199 -30.54 16.31 2.76
N TYR A 200 -30.98 15.85 1.59
CA TYR A 200 -31.37 16.77 0.50
CA TYR A 200 -31.40 16.77 0.51
C TYR A 200 -32.89 16.97 0.33
N GLU A 202 -34.69 19.37 1.31
CA GLU A 202 -35.09 20.75 1.04
C GLU A 202 -34.89 21.17 -0.41
N THR A 203 -33.97 20.52 -1.12
CA THR A 203 -33.70 20.84 -2.51
C THR A 203 -34.41 19.91 -3.49
N ALA A 204 -35.09 18.90 -2.97
CA ALA A 204 -35.71 17.87 -3.83
C ALA A 204 -37.05 18.35 -4.39
N PRO A 205 -37.42 17.83 -5.55
CA PRO A 205 -38.83 18.00 -5.95
C PRO A 205 -39.75 17.38 -4.94
N ARG A 206 -40.91 17.97 -4.71
CA ARG A 206 -41.81 17.45 -3.68
C ARG A 206 -42.20 16.00 -3.98
N ASP A 207 -42.30 15.63 -5.25
CA ASP A 207 -42.72 14.28 -5.58
C ASP A 207 -41.64 13.20 -5.39
N ALA A 208 -40.46 13.58 -4.93
CA ALA A 208 -39.39 12.62 -4.57
C ALA A 208 -39.54 12.12 -3.17
N LEU A 209 -40.26 12.85 -2.33
CA LEU A 209 -40.27 12.61 -0.90
C LEU A 209 -41.53 11.91 -0.43
N PRO A 210 -41.39 10.75 0.23
CA PRO A 210 -42.59 10.10 0.77
C PRO A 210 -43.31 10.99 1.76
N PRO A 211 -44.66 11.01 1.71
CA PRO A 211 -45.39 11.68 2.76
C PRO A 211 -45.05 11.09 4.13
N ILE A 212 -45.07 11.91 5.16
CA ILE A 212 -44.71 11.40 6.50
C ILE A 212 -45.60 10.20 6.87
N GLU A 213 -46.90 10.31 6.57
CA GLU A 213 -47.86 9.27 6.97
C GLU A 213 -47.64 7.92 6.29
N SER A 214 -46.97 7.90 5.13
CA SER A 214 -46.71 6.66 4.42
CA SER A 214 -46.73 6.63 4.44
C SER A 214 -45.72 5.74 5.12
N LEU A 215 -44.87 6.30 5.97
CA LEU A 215 -43.82 5.52 6.62
C LEU A 215 -43.77 5.63 8.14
N ILE A 216 -44.42 6.63 8.72
CA ILE A 216 -44.21 6.95 10.15
C ILE A 216 -44.63 5.85 11.16
N ASP A 217 -45.54 4.96 10.75
CA ASP A 217 -45.98 3.86 11.62
C ASP A 217 -45.13 2.60 11.50
N LYS A 218 -44.12 2.62 10.64
CA LYS A 218 -43.28 1.45 10.43
C LYS A 218 -42.16 1.43 11.45
N PRO A 219 -42.08 0.38 12.29
CA PRO A 219 -41.00 0.31 13.28
C PRO A 219 -39.62 0.17 12.68
N ASN A 220 -39.56 -0.21 11.41
CA ASN A 220 -38.31 -0.51 10.74
C ASN A 220 -37.90 0.55 9.71
N VAL A 221 -38.42 1.75 9.84
CA VAL A 221 -37.99 2.85 8.98
C VAL A 221 -37.58 4.03 9.85
N ILE A 222 -36.44 4.59 9.54
CA ILE A 222 -36.02 5.84 10.15
CA ILE A 222 -35.96 5.83 10.16
C ILE A 222 -35.55 6.78 9.04
N ARG A 223 -36.05 8.00 9.09
CA ARG A 223 -35.72 9.03 8.09
C ARG A 223 -34.84 10.08 8.75
N ALA A 224 -33.75 10.45 8.08
CA ALA A 224 -32.77 11.37 8.66
C ALA A 224 -32.72 12.67 7.87
N ARG A 225 -32.73 13.79 8.59
CA ARG A 225 -32.69 15.10 7.98
C ARG A 225 -31.69 15.99 8.72
N THR A 226 -31.31 17.07 8.08
CA THR A 226 -30.23 17.90 8.62
C THR A 226 -30.44 19.39 8.44
N PHE A 227 -29.73 20.17 9.25
CA PHE A 227 -29.60 21.61 9.05
C PHE A 227 -28.31 21.99 8.30
N SER A 228 -27.55 21.00 7.86
CA SER A 228 -26.21 21.27 7.33
C SER A 228 -26.16 21.73 5.90
N LYS A 229 -27.24 21.53 5.15
CA LYS A 229 -27.18 21.73 3.71
C LYS A 229 -27.95 23.00 3.32
N ALA A 230 -29.18 22.90 2.82
CA ALA A 230 -29.93 24.11 2.48
C ALA A 230 -30.05 25.13 3.61
N TYR A 231 -30.18 24.67 4.87
CA TYR A 231 -30.32 25.60 5.98
C TYR A 231 -29.03 26.36 6.32
N GLY A 232 -27.88 25.87 5.86
CA GLY A 232 -26.63 26.63 5.96
C GLY A 232 -25.96 26.55 7.31
N LEU A 233 -26.12 25.41 8.01
CA LEU A 233 -25.61 25.27 9.38
C LEU A 233 -24.72 24.04 9.58
N ALA A 234 -23.94 23.69 8.56
CA ALA A 234 -23.07 22.51 8.65
C ALA A 234 -22.18 22.53 9.86
N GLY A 235 -21.65 23.68 10.20
CA GLY A 235 -20.74 23.81 11.37
C GLY A 235 -21.41 23.64 12.73
N ALA A 236 -22.73 23.74 12.76
CA ALA A 236 -23.49 23.60 14.01
C ALA A 236 -23.87 22.16 14.41
N ARG A 237 -23.82 21.22 13.48
CA ARG A 237 -24.05 19.80 13.72
C ARG A 237 -25.40 19.51 14.34
N ILE A 238 -26.48 19.85 13.61
CA ILE A 238 -27.81 19.52 14.10
C ILE A 238 -28.52 18.64 13.08
N GLY A 239 -28.86 17.42 13.47
CA GLY A 239 -29.64 16.51 12.63
C GLY A 239 -30.81 15.97 13.43
N TYR A 240 -31.78 15.38 12.72
CA TYR A 240 -32.91 14.77 13.41
CA TYR A 240 -32.90 14.76 13.41
C TYR A 240 -33.41 13.59 12.60
N THR A 241 -34.14 12.72 13.29
CA THR A 241 -34.74 11.56 12.65
C THR A 241 -36.23 11.54 12.93
N LEU A 242 -36.95 10.90 12.00
CA LEU A 242 -38.39 10.63 12.09
CA LEU A 242 -38.40 10.63 12.09
C LEU A 242 -38.60 9.13 12.08
N SER A 243 -39.27 8.60 13.09
CA SER A 243 -39.49 7.16 13.21
C SER A 243 -40.67 6.94 14.13
N THR A 244 -40.97 5.68 14.44
CA THR A 244 -41.91 5.44 15.51
C THR A 244 -41.32 5.92 16.85
N PRO A 245 -42.18 6.14 17.85
CA PRO A 245 -41.64 6.51 19.17
C PRO A 245 -40.73 5.46 19.79
N GLY A 246 -41.06 4.18 19.63
CA GLY A 246 -40.21 3.13 20.21
C GLY A 246 -38.83 3.14 19.61
N THR A 247 -38.79 3.38 18.30
CA THR A 247 -37.51 3.46 17.60
C THR A 247 -36.75 4.72 18.00
N ALA A 248 -37.44 5.82 18.14
CA ALA A 248 -36.82 7.07 18.56
C ALA A 248 -36.26 6.95 19.98
N GLN A 249 -36.96 6.23 20.84
CA GLN A 249 -36.56 6.11 22.23
C GLN A 249 -35.27 5.35 22.41
N ALA A 250 -34.98 4.46 21.46
CA ALA A 250 -33.77 3.65 21.56
C ALA A 250 -32.52 4.54 21.57
N PHE A 251 -32.57 5.70 20.93
CA PHE A 251 -31.43 6.64 20.92
C PHE A 251 -31.11 7.11 22.33
N ASP A 252 -32.09 7.17 23.20
CA ASP A 252 -31.84 7.63 24.57
C ASP A 252 -31.01 6.63 25.38
N LYS A 253 -30.89 5.41 24.90
CA LYS A 253 -30.07 4.40 25.59
C LYS A 253 -28.60 4.57 25.33
N ILE A 254 -28.25 5.27 24.25
CA ILE A 254 -26.86 5.29 23.74
C ILE A 254 -26.42 6.65 23.25
N ARG A 255 -27.03 7.71 23.70
CA ARG A 255 -26.65 9.00 23.17
C ARG A 255 -26.05 9.77 24.25
N ASN A 256 -25.17 10.70 23.88
CA ASN A 256 -24.62 11.59 24.87
CA ASN A 256 -24.62 11.62 24.86
C ASN A 256 -25.67 12.68 25.10
N HIS A 257 -26.35 12.55 26.23
CA HIS A 257 -27.58 13.29 26.54
C HIS A 257 -27.40 14.80 26.53
N PHE A 258 -26.23 15.26 26.96
CA PHE A 258 -25.95 16.71 26.98
C PHE A 258 -25.06 17.11 25.81
N GLY A 259 -25.07 16.30 24.76
CA GLY A 259 -24.10 16.42 23.68
C GLY A 259 -24.40 17.54 22.69
N SER A 261 -24.86 21.06 20.93
CA SER A 261 -24.40 22.45 21.01
C SER A 261 -25.56 23.38 21.37
N ARG A 262 -25.43 24.12 22.46
CA ARG A 262 -26.49 25.02 22.85
C ARG A 262 -26.74 26.13 21.79
N ILE A 263 -25.66 26.69 21.25
CA ILE A 263 -25.80 27.68 20.20
C ILE A 263 -26.37 27.05 18.92
N GLY A 264 -25.93 25.84 18.58
CA GLY A 264 -26.43 25.16 17.41
C GLY A 264 -27.94 24.90 17.49
N VAL A 265 -28.39 24.50 18.66
CA VAL A 265 -29.85 24.28 18.85
C VAL A 265 -30.62 25.59 18.60
N ALA A 266 -30.12 26.67 19.17
CA ALA A 266 -30.75 27.98 18.99
C ALA A 266 -30.78 28.36 17.51
N ALA A 267 -29.68 28.07 16.81
CA ALA A 267 -29.57 28.36 15.39
C ALA A 267 -30.59 27.56 14.57
N ALA A 268 -30.71 26.28 14.90
CA ALA A 268 -31.64 25.40 14.19
C ALA A 268 -33.12 25.79 14.39
N ILE A 269 -33.48 26.15 15.63
CA ILE A 269 -34.83 26.64 15.90
C ILE A 269 -35.09 27.89 15.05
N ALA A 270 -34.12 28.82 15.01
CA ALA A 270 -34.28 30.05 14.19
C ALA A 270 -34.37 29.72 12.71
N ALA A 271 -33.60 28.73 12.28
CA ALA A 271 -33.56 28.35 10.85
C ALA A 271 -34.91 27.79 10.44
N LEU A 272 -35.50 26.96 11.28
CA LEU A 272 -36.84 26.43 11.02
CA LEU A 272 -36.82 26.41 11.02
C LEU A 272 -37.87 27.52 10.90
N ALA A 273 -37.75 28.53 11.75
CA ALA A 273 -38.69 29.63 11.73
C ALA A 273 -38.61 30.47 10.46
N ASP A 274 -37.46 30.53 9.82
CA ASP A 274 -37.27 31.39 8.65
C ASP A 274 -37.44 30.61 7.34
N GLN A 275 -38.68 30.20 7.10
CA GLN A 275 -39.01 29.47 5.88
C GLN A 275 -38.94 30.36 4.64
N ASP A 276 -39.14 31.68 4.80
CA ASP A 276 -38.97 32.59 3.66
C ASP A 276 -37.53 32.56 3.17
N TYR A 277 -36.57 32.56 4.10
CA TYR A 277 -35.18 32.46 3.70
C TYR A 277 -34.88 31.12 3.04
N LEU A 278 -35.41 30.04 3.61
CA LEU A 278 -35.20 28.72 3.02
C LEU A 278 -35.68 28.66 1.58
N LYS A 279 -36.85 29.22 1.33
CA LYS A 279 -37.40 29.28 -0.03
C LYS A 279 -36.46 30.03 -0.96
N GLU A 280 -36.00 31.19 -0.52
CA GLU A 280 -35.04 31.96 -1.30
C GLU A 280 -33.78 31.16 -1.61
N VAL A 281 -33.19 30.54 -0.59
CA VAL A 281 -31.93 29.88 -0.79
CA VAL A 281 -31.93 29.83 -0.79
C VAL A 281 -32.09 28.62 -1.67
N THR A 282 -33.21 27.91 -1.54
CA THR A 282 -33.41 26.74 -2.40
C THR A 282 -33.54 27.16 -3.87
N LEU A 283 -34.11 28.31 -4.13
CA LEU A 283 -34.15 28.83 -5.51
C LEU A 283 -32.77 29.22 -5.99
N LYS A 284 -31.97 29.82 -5.11
CA LYS A 284 -30.58 30.16 -5.46
C LYS A 284 -29.76 28.90 -5.73
N ILE A 285 -29.97 27.87 -4.92
CA ILE A 285 -29.26 26.59 -5.15
C ILE A 285 -29.65 26.02 -6.51
N ALA A 286 -30.94 26.02 -6.82
CA ALA A 286 -31.40 25.52 -8.12
C ALA A 286 -30.77 26.30 -9.27
N ASN A 287 -30.72 27.61 -9.15
CA ASN A 287 -30.09 28.45 -10.18
C ASN A 287 -28.60 28.14 -10.34
N SER A 288 -27.91 27.93 -9.21
CA SER A 288 -26.51 27.58 -9.25
C SER A 288 -26.29 26.21 -9.90
N ARG A 289 -27.19 25.27 -9.67
CA ARG A 289 -27.08 23.96 -10.37
C ARG A 289 -27.12 24.17 -11.90
N GLN A 290 -28.02 25.04 -12.36
CA GLN A 290 -28.13 25.35 -13.79
C GLN A 290 -26.84 26.00 -14.31
N ARG A 291 -26.28 26.90 -13.51
CA ARG A 291 -25.02 27.54 -13.89
C ARG A 291 -23.87 26.53 -13.99
N ILE A 292 -23.79 25.62 -13.03
CA ILE A 292 -22.73 24.59 -13.08
C ILE A 292 -22.90 23.73 -14.33
N GLY A 293 -24.16 23.39 -14.63
CA GLY A 293 -24.45 22.62 -15.86
C GLY A 293 -23.96 23.32 -17.11
N ARG A 294 -24.22 24.63 -17.21
CA ARG A 294 -23.72 25.43 -18.30
C ARG A 294 -22.20 25.44 -18.39
N ILE A 295 -21.54 25.68 -17.27
CA ILE A 295 -20.08 25.72 -17.22
C ILE A 295 -19.51 24.36 -17.67
N ALA A 296 -20.08 23.28 -17.16
CA ALA A 296 -19.62 21.95 -17.51
C ALA A 296 -19.75 21.73 -19.01
N ALA A 297 -20.91 22.05 -19.55
CA ALA A 297 -21.20 21.84 -20.96
C ALA A 297 -20.30 22.68 -21.83
N ASP A 298 -20.05 23.92 -21.41
CA ASP A 298 -19.15 24.81 -22.13
C ASP A 298 -17.72 24.25 -22.25
N SER A 299 -17.32 23.40 -21.30
CA SER A 299 -16.01 22.75 -21.32
C SER A 299 -16.06 21.34 -21.87
N GLY A 300 -17.17 20.96 -22.48
CA GLY A 300 -17.30 19.66 -23.13
C GLY A 300 -17.60 18.51 -22.20
N LEU A 301 -18.03 18.82 -20.98
CA LEU A 301 -18.32 17.80 -19.97
C LEU A 301 -19.84 17.60 -19.89
N ALA A 302 -20.28 16.53 -19.23
CA ALA A 302 -21.70 16.16 -19.20
C ALA A 302 -22.29 16.23 -17.78
N PRO A 303 -23.05 17.30 -17.48
CA PRO A 303 -23.63 17.39 -16.15
C PRO A 303 -24.83 16.47 -16.01
N LEU A 304 -25.00 15.92 -14.81
CA LEU A 304 -26.09 14.99 -14.54
CA LEU A 304 -26.10 14.99 -14.54
C LEU A 304 -27.22 15.72 -13.82
N PRO A 305 -28.47 15.27 -14.04
CA PRO A 305 -29.58 15.88 -13.29
C PRO A 305 -29.39 15.80 -11.80
N SER A 306 -29.87 16.79 -11.06
CA SER A 306 -29.66 16.83 -9.63
C SER A 306 -30.84 17.37 -8.85
N ALA A 307 -31.09 16.77 -7.69
CA ALA A 307 -32.05 17.27 -6.70
C ALA A 307 -31.38 17.66 -5.38
N THR A 308 -30.07 17.94 -5.44
CA THR A 308 -29.27 18.23 -4.27
C THR A 308 -28.74 19.66 -4.32
N ASN A 309 -27.72 19.96 -3.52
CA ASN A 309 -27.03 21.24 -3.61
C ASN A 309 -25.69 21.14 -4.34
N PHE A 310 -25.55 20.15 -5.20
CA PHE A 310 -24.35 19.96 -6.03
C PHE A 310 -24.76 19.40 -7.40
N VAL A 311 -23.82 19.34 -8.32
CA VAL A 311 -23.98 18.70 -9.58
C VAL A 311 -22.84 17.74 -9.85
N ALA A 312 -23.17 16.49 -10.16
CA ALA A 312 -22.18 15.54 -10.65
C ALA A 312 -21.96 15.75 -12.14
N VAL A 313 -20.70 15.66 -12.55
CA VAL A 313 -20.32 15.94 -13.93
C VAL A 313 -19.52 14.78 -14.45
N ASP A 314 -19.96 14.21 -15.56
CA ASP A 314 -19.26 13.10 -16.20
C ASP A 314 -18.20 13.71 -17.13
N CYS A 315 -16.94 13.39 -16.85
CA CYS A 315 -15.83 14.05 -17.54
C CYS A 315 -15.47 13.29 -18.80
N GLY A 316 -16.14 12.16 -19.01
CA GLY A 316 -16.17 11.51 -20.33
C GLY A 316 -14.97 10.65 -20.64
N LYS A 317 -14.09 10.49 -19.66
CA LYS A 317 -12.88 9.69 -19.85
C LYS A 317 -12.80 8.73 -18.67
N ASP A 318 -11.65 8.67 -18.00
CA ASP A 318 -11.44 7.72 -16.91
C ASP A 318 -11.28 8.45 -15.58
N ALA A 319 -10.99 7.68 -14.52
CA ALA A 319 -10.85 8.23 -13.17
C ALA A 319 -9.61 9.12 -13.03
N SER A 320 -8.53 8.79 -13.74
CA SER A 320 -7.29 9.59 -13.65
C SER A 320 -7.47 10.98 -14.26
N TYR A 321 -8.33 11.09 -15.27
CA TYR A 321 -8.68 12.39 -15.84
C TYR A 321 -9.47 13.24 -14.84
N ALA A 322 -10.51 12.65 -14.27
CA ALA A 322 -11.32 13.35 -13.26
C ALA A 322 -10.44 13.82 -12.08
N ARG A 323 -9.52 12.96 -11.63
CA ARG A 323 -8.58 13.31 -10.55
C ARG A 323 -7.70 14.49 -10.93
N ALA A 324 -7.20 14.49 -12.15
CA ALA A 324 -6.37 15.58 -12.65
C ALA A 324 -7.13 16.91 -12.65
N ILE A 325 -8.42 16.86 -12.98
CA ILE A 325 -9.24 18.06 -12.96
C ILE A 325 -9.37 18.61 -11.54
N VAL A 326 -9.68 17.73 -10.61
CA VAL A 326 -9.83 18.14 -9.20
C VAL A 326 -8.52 18.77 -8.70
N ASP A 327 -7.42 18.07 -8.95
CA ASP A 327 -6.12 18.51 -8.43
C ASP A 327 -5.64 19.83 -9.03
N ARG A 328 -5.84 19.99 -10.33
CA ARG A 328 -5.45 21.25 -10.99
C ARG A 328 -6.33 22.44 -10.63
N LEU A 329 -7.61 22.21 -10.48
CA LEU A 329 -8.49 23.29 -9.98
C LEU A 329 -7.99 23.83 -8.62
N SER A 331 -4.75 23.31 -7.15
CA SER A 331 -3.35 23.75 -7.19
C SER A 331 -3.18 25.05 -7.99
N ASP A 332 -3.88 25.16 -9.11
CA ASP A 332 -3.70 26.30 -10.02
C ASP A 332 -4.68 27.44 -9.80
N HIS A 333 -5.84 27.15 -9.22
CA HIS A 333 -6.89 28.16 -9.08
C HIS A 333 -7.51 28.31 -7.68
N GLY A 334 -7.12 27.47 -6.73
CA GLY A 334 -7.67 27.56 -5.40
C GLY A 334 -9.14 27.18 -5.34
N ILE A 335 -9.56 26.34 -6.29
CA ILE A 335 -10.92 25.86 -6.36
C ILE A 335 -10.99 24.44 -5.84
N PHE A 336 -11.81 24.26 -4.81
CA PHE A 336 -11.98 22.98 -4.10
C PHE A 336 -13.29 22.32 -4.57
N ILE A 337 -13.14 21.22 -5.32
CA ILE A 337 -14.24 20.30 -5.64
C ILE A 337 -13.83 18.89 -5.19
N ARG A 338 -14.72 17.92 -5.37
CA ARG A 338 -14.42 16.52 -5.01
C ARG A 338 -14.78 15.59 -6.16
N PRO A 340 -16.39 11.19 -6.83
CA PRO A 340 -16.67 9.86 -6.24
C PRO A 340 -15.45 8.93 -6.23
N GLY A 341 -15.57 7.81 -5.51
CA GLY A 341 -14.44 6.93 -5.23
C GLY A 341 -14.45 5.55 -5.82
N VAL A 342 -15.48 5.21 -6.60
CA VAL A 342 -15.56 3.89 -7.25
C VAL A 342 -16.02 4.00 -8.70
N ALA A 343 -15.55 3.08 -9.55
CA ALA A 343 -16.03 3.01 -10.94
C ALA A 343 -17.47 2.46 -10.98
N PRO A 344 -18.29 2.94 -11.93
CA PRO A 344 -17.90 3.96 -12.91
C PRO A 344 -18.25 5.38 -12.48
N LEU A 345 -18.68 5.54 -11.22
CA LEU A 345 -19.05 6.86 -10.67
C LEU A 345 -17.87 7.81 -10.72
N ASN A 346 -16.67 7.27 -10.54
CA ASN A 346 -15.44 8.09 -10.54
C ASN A 346 -14.97 8.58 -11.92
N ARG A 347 -15.73 8.28 -12.97
CA ARG A 347 -15.66 9.04 -14.23
C ARG A 347 -16.09 10.51 -13.99
N CYS A 348 -16.72 10.74 -12.83
CA CYS A 348 -17.32 12.02 -12.51
C CYS A 348 -16.55 12.87 -11.48
N ILE A 349 -16.78 14.16 -11.52
CA ILE A 349 -16.43 15.09 -10.46
C ILE A 349 -17.75 15.56 -9.83
N ARG A 350 -17.68 16.13 -8.65
CA ARG A 350 -18.89 16.63 -7.96
C ARG A 350 -18.63 18.06 -7.57
N ILE A 351 -19.45 18.99 -8.06
CA ILE A 351 -19.26 20.40 -7.86
C ILE A 351 -20.42 20.97 -7.05
N SER A 352 -20.13 21.53 -5.88
CA SER A 352 -21.17 22.11 -5.03
C SER A 352 -21.64 23.46 -5.56
N THR A 353 -22.93 23.74 -5.34
CA THR A 353 -23.49 25.05 -5.64
C THR A 353 -22.90 26.13 -4.74
N ALA A 354 -23.01 27.37 -5.21
CA ALA A 354 -22.41 28.49 -4.53
C ALA A 354 -22.94 29.78 -5.11
N PRO A 355 -22.71 30.88 -4.38
CA PRO A 355 -22.99 32.20 -4.95
C PRO A 355 -22.27 32.53 -6.24
N ASP A 356 -22.72 33.62 -6.86
CA ASP A 356 -22.19 34.02 -8.15
C ASP A 356 -20.68 34.23 -8.21
N ALA A 357 -20.08 34.78 -7.15
CA ALA A 357 -18.63 35.01 -7.15
C ALA A 357 -17.85 33.71 -7.39
N GLU A 358 -18.24 32.65 -6.68
CA GLU A 358 -17.63 31.34 -6.88
C GLU A 358 -17.92 30.75 -8.26
N ASP A 360 -18.49 32.40 -10.97
CA ASP A 360 -17.69 33.16 -11.95
C ASP A 360 -16.25 32.66 -11.98
N LEU A 361 -15.69 32.39 -10.80
CA LEU A 361 -14.34 31.85 -10.70
CA LEU A 361 -14.34 31.85 -10.72
C LEU A 361 -14.26 30.49 -11.40
N LEU A 362 -15.23 29.63 -11.14
CA LEU A 362 -15.27 28.31 -11.76
C LEU A 362 -15.38 28.41 -13.29
N ALA A 363 -16.20 29.35 -13.76
CA ALA A 363 -16.42 29.52 -15.19
C ALA A 363 -15.14 29.91 -15.95
N ALA A 364 -14.28 30.67 -15.27
CA ALA A 364 -13.00 31.09 -15.84
C ALA A 364 -11.98 29.96 -15.77
N ALA A 365 -11.98 29.25 -14.65
CA ALA A 365 -10.94 28.26 -14.36
C ALA A 365 -11.11 26.94 -15.07
N LEU A 366 -12.33 26.45 -15.16
CA LEU A 366 -12.51 25.10 -15.67
C LEU A 366 -12.01 24.94 -17.13
N PRO A 367 -12.35 25.88 -18.02
CA PRO A 367 -11.83 25.73 -19.39
C PRO A 367 -10.31 25.74 -19.46
N GLU A 368 -9.67 26.58 -18.65
CA GLU A 368 -8.21 26.62 -18.54
C GLU A 368 -7.63 25.27 -18.11
N VAL A 369 -8.27 24.64 -17.13
CA VAL A 369 -7.85 23.32 -16.69
C VAL A 369 -8.02 22.25 -17.79
N ILE A 370 -9.18 22.26 -18.43
CA ILE A 370 -9.46 21.26 -19.47
C ILE A 370 -8.49 21.45 -20.63
N ARG A 371 -8.28 22.71 -21.02
CA ARG A 371 -7.29 23.03 -22.05
C ARG A 371 -5.89 22.55 -21.67
N SER A 372 -5.50 22.77 -20.42
CA SER A 372 -4.16 22.40 -19.96
C SER A 372 -3.95 20.90 -19.93
N LEU A 373 -5.03 20.14 -19.78
CA LEU A 373 -4.95 18.68 -19.77
C LEU A 373 -4.91 18.04 -21.17
N ALA A 374 -5.28 18.79 -22.22
CA ALA A 374 -5.20 18.25 -23.58
C ALA A 374 -3.78 18.36 -24.10
N SER B 3 43.07 20.40 27.13
CA SER B 3 44.37 19.99 27.73
C SER B 3 45.20 21.18 28.19
N SER B 5 48.11 22.04 27.31
CA SER B 5 48.92 22.68 26.27
C SER B 5 48.08 23.43 25.23
N ALA B 6 46.78 23.49 25.43
CA ALA B 6 45.91 24.23 24.51
C ALA B 6 46.12 25.74 24.64
N PHE B 7 45.97 26.44 23.52
CA PHE B 7 45.89 27.91 23.56
C PHE B 7 44.90 28.35 24.64
N SER B 8 45.28 29.36 25.41
CA SER B 8 44.51 29.76 26.59
C SER B 8 43.33 30.69 26.31
N ARG B 9 43.18 31.16 25.07
CA ARG B 9 42.14 32.17 24.77
C ARG B 9 41.24 31.78 23.60
N PHE B 10 40.88 30.52 23.53
CA PHE B 10 39.78 30.14 22.66
C PHE B 10 38.51 30.85 23.16
N THR B 11 37.50 31.02 22.30
CA THR B 11 36.30 31.75 22.75
C THR B 11 35.65 31.01 23.92
N PRO B 12 34.89 31.71 24.76
CA PRO B 12 34.21 30.98 25.84
C PRO B 12 33.30 29.87 25.36
N LEU B 13 32.63 30.07 24.22
CA LEU B 13 31.85 29.00 23.64
C LEU B 13 32.71 27.78 23.33
N ILE B 14 33.84 28.02 22.64
CA ILE B 14 34.71 26.93 22.26
C ILE B 14 35.25 26.19 23.49
N GLN B 15 35.62 26.96 24.52
CA GLN B 15 36.15 26.36 25.72
C GLN B 15 35.13 25.40 26.32
N SER B 16 33.85 25.72 26.17
CA SER B 16 32.78 24.88 26.77
C SER B 16 32.46 23.58 25.99
N LEU B 17 32.90 23.47 24.74
CA LEU B 17 32.51 22.33 23.89
C LEU B 17 33.37 21.08 24.14
N PRO B 18 32.82 19.88 23.93
CA PRO B 18 33.60 18.66 24.12
C PRO B 18 34.68 18.50 23.05
N PHE B 23 30.95 9.45 17.40
CA PHE B 23 30.92 8.13 16.81
C PHE B 23 32.34 7.59 16.62
N VAL B 24 32.56 6.32 16.95
CA VAL B 24 33.83 5.66 16.61
C VAL B 24 33.75 5.15 15.17
N GLY B 25 34.73 5.52 14.35
CA GLY B 25 34.74 5.14 12.95
C GLY B 25 35.20 3.73 12.77
N PRO B 26 34.92 3.14 11.59
CA PRO B 26 35.27 1.74 11.40
C PRO B 26 36.77 1.48 11.39
N GLU B 27 37.57 2.43 10.90
CA GLU B 27 39.03 2.26 10.93
C GLU B 27 39.53 2.16 12.35
N ALA B 28 38.98 2.97 13.24
CA ALA B 28 39.36 2.92 14.65
C ALA B 28 38.95 1.60 15.29
N LEU B 29 37.75 1.11 14.92
CA LEU B 29 37.31 -0.19 15.42
C LEU B 29 38.26 -1.31 14.96
N GLU B 30 38.74 -1.27 13.73
CA GLU B 30 39.69 -2.25 13.24
C GLU B 30 40.97 -2.23 14.10
N ARG B 31 41.44 -1.02 14.40
CA ARG B 31 42.63 -0.92 15.25
C ARG B 31 42.36 -1.43 16.67
N GLN B 32 41.22 -1.08 17.25
CA GLN B 32 40.85 -1.48 18.62
CA GLN B 32 40.87 -1.49 18.61
C GLN B 32 40.69 -3.00 18.75
N HIS B 33 40.12 -3.62 17.71
CA HIS B 33 39.90 -5.08 17.71
C HIS B 33 40.99 -5.90 17.00
N GLY B 34 41.94 -5.23 16.37
CA GLY B 34 43.06 -5.90 15.69
C GLY B 34 42.64 -6.82 14.57
N ARG B 35 41.64 -6.39 13.79
CA ARG B 35 41.14 -7.20 12.69
C ARG B 35 40.47 -6.31 11.66
N LYS B 36 40.47 -6.73 10.39
CA LYS B 36 39.80 -5.99 9.35
C LYS B 36 38.31 -6.28 9.48
N ILE B 37 37.49 -5.30 9.16
CA ILE B 37 36.07 -5.48 9.22
C ILE B 37 35.70 -6.40 8.07
N ALA B 38 34.93 -7.43 8.38
CA ALA B 38 34.49 -8.41 7.38
C ALA B 38 33.19 -7.98 6.71
N ALA B 39 32.35 -7.24 7.45
CA ALA B 39 31.16 -6.65 6.88
C ALA B 39 30.99 -5.22 7.40
N ARG B 40 31.21 -4.27 6.51
CA ARG B 40 31.20 -2.85 6.87
C ARG B 40 29.78 -2.33 6.63
N ILE B 41 28.95 -2.43 7.65
CA ILE B 41 27.52 -2.19 7.50
C ILE B 41 26.93 -1.33 8.64
N GLY B 42 27.71 -0.33 9.04
CA GLY B 42 27.39 0.49 10.21
C GLY B 42 27.33 1.99 9.99
N ALA B 43 27.76 2.48 8.82
CA ALA B 43 27.85 3.91 8.56
C ALA B 43 27.02 4.30 7.35
N ASN B 44 26.18 3.39 6.88
CA ASN B 44 25.30 3.61 5.74
C ASN B 44 26.05 3.95 4.43
N GLU B 45 27.29 3.51 4.35
CA GLU B 45 28.05 3.61 3.14
C GLU B 45 27.52 2.56 2.19
N SER B 46 27.59 2.83 0.89
CA SER B 46 27.04 1.89 -0.08
C SER B 46 28.11 0.96 -0.63
N GLY B 47 28.21 -0.24 -0.05
CA GLY B 47 29.19 -1.24 -0.47
C GLY B 47 28.95 -1.77 -1.87
N PHE B 48 27.79 -1.47 -2.44
CA PHE B 48 27.54 -1.72 -3.85
C PHE B 48 28.45 -0.87 -4.73
N GLY B 49 28.92 0.27 -4.22
CA GLY B 49 29.83 1.13 -4.93
C GLY B 49 29.15 2.08 -5.90
N PRO B 50 29.93 3.02 -6.42
CA PRO B 50 29.42 3.90 -7.45
C PRO B 50 29.45 3.18 -8.82
N ALA B 51 28.90 3.83 -9.82
CA ALA B 51 28.80 3.21 -11.15
C ALA B 51 30.18 2.94 -11.73
N PRO B 52 30.34 1.84 -12.49
CA PRO B 52 31.55 1.71 -13.29
C PRO B 52 31.93 2.98 -14.09
N SER B 53 30.95 3.66 -14.63
CA SER B 53 31.22 4.90 -15.39
C SER B 53 31.78 6.02 -14.51
N VAL B 54 31.41 6.01 -13.24
CA VAL B 54 31.92 6.99 -12.26
C VAL B 54 33.36 6.68 -11.92
N LEU B 55 33.71 5.40 -11.76
CA LEU B 55 35.08 5.03 -11.53
C LEU B 55 35.95 5.46 -12.72
N LEU B 56 35.43 5.27 -13.93
CA LEU B 56 36.15 5.73 -15.11
C LEU B 56 36.34 7.26 -15.09
N ALA B 57 35.28 7.98 -14.76
CA ALA B 57 35.37 9.45 -14.70
C ALA B 57 36.42 9.93 -13.69
N ILE B 58 36.50 9.28 -12.54
CA ILE B 58 37.49 9.61 -11.51
C ILE B 58 38.88 9.37 -12.08
N ARG B 59 39.09 8.23 -12.73
CA ARG B 59 40.40 7.90 -13.25
C ARG B 59 40.81 8.85 -14.37
N GLN B 60 39.84 9.29 -15.17
CA GLN B 60 40.10 10.27 -16.22
C GLN B 60 40.35 11.68 -15.69
N ALA B 61 39.77 12.02 -14.54
CA ALA B 61 39.91 13.36 -13.94
C ALA B 61 41.18 13.53 -13.12
N ALA B 62 41.82 12.40 -12.78
CA ALA B 62 42.97 12.40 -11.90
C ALA B 62 44.04 13.40 -12.35
N GLY B 63 44.30 13.45 -13.64
CA GLY B 63 45.36 14.34 -14.13
C GLY B 63 45.10 15.82 -13.99
N ASP B 64 43.86 16.20 -13.72
CA ASP B 64 43.47 17.62 -13.57
C ASP B 64 43.45 18.08 -12.12
N THR B 65 43.87 17.20 -11.21
CA THR B 65 43.69 17.48 -9.80
CA THR B 65 43.74 17.46 -9.78
C THR B 65 44.64 18.57 -9.27
N TRP B 66 45.54 19.06 -10.11
CA TRP B 66 46.39 20.20 -9.75
C TRP B 66 45.62 21.51 -9.80
N LYS B 67 44.45 21.51 -10.44
CA LYS B 67 43.62 22.72 -10.50
C LYS B 67 42.64 22.77 -9.34
N TYR B 68 42.39 23.96 -8.79
CA TYR B 68 41.27 24.17 -7.92
C TYR B 68 39.96 23.91 -8.69
N ALA B 69 38.95 23.41 -7.98
CA ALA B 69 37.60 23.33 -8.55
C ALA B 69 37.08 24.72 -8.92
N ASP B 70 36.19 24.77 -9.89
CA ASP B 70 35.54 26.00 -10.26
C ASP B 70 34.80 26.52 -9.01
N PRO B 71 35.14 27.72 -8.53
CA PRO B 71 34.46 28.23 -7.34
C PRO B 71 32.96 28.48 -7.53
N GLU B 72 32.51 28.66 -8.77
CA GLU B 72 31.08 28.82 -9.08
C GLU B 72 30.35 27.48 -9.19
N ASN B 73 31.09 26.37 -9.26
CA ASN B 73 30.51 25.02 -9.38
C ASN B 73 29.54 24.99 -10.57
N HIS B 74 29.93 25.65 -11.66
CA HIS B 74 28.99 25.82 -12.80
C HIS B 74 28.56 24.51 -13.43
N ASP B 75 29.50 23.64 -13.77
CA ASP B 75 29.14 22.41 -14.46
C ASP B 75 28.29 21.47 -13.57
N LEU B 76 28.62 21.42 -12.28
CA LEU B 76 27.85 20.57 -11.38
C LEU B 76 26.43 21.12 -11.16
N LYS B 77 26.32 22.41 -10.97
CA LYS B 77 24.97 23.02 -10.80
C LYS B 77 24.14 22.87 -12.05
N GLN B 78 24.77 23.02 -13.21
CA GLN B 78 24.07 22.80 -14.49
C GLN B 78 23.60 21.35 -14.61
N ALA B 79 24.46 20.41 -14.25
CA ALA B 79 24.09 19.01 -14.34
C ALA B 79 22.92 18.65 -13.40
N LEU B 80 23.00 19.16 -12.17
CA LEU B 80 21.93 18.97 -11.23
C LEU B 80 20.63 19.59 -11.74
N ALA B 81 20.71 20.80 -12.28
CA ALA B 81 19.53 21.51 -12.76
C ALA B 81 18.87 20.73 -13.88
N ARG B 82 19.69 20.22 -14.80
CA ARG B 82 19.16 19.44 -15.93
C ARG B 82 18.47 18.17 -15.43
N HIS B 83 19.08 17.52 -14.47
CA HIS B 83 18.53 16.29 -13.92
C HIS B 83 17.21 16.55 -13.16
N LEU B 84 17.18 17.61 -12.37
CA LEU B 84 16.08 17.90 -11.46
C LEU B 84 14.93 18.68 -12.07
N GLY B 85 15.20 19.36 -13.17
CA GLY B 85 14.23 20.25 -13.79
C GLY B 85 13.97 21.51 -13.01
N THR B 86 15.01 22.07 -12.38
CA THR B 86 14.89 23.33 -11.64
C THR B 86 16.08 24.15 -11.97
N SER B 87 16.08 25.44 -11.71
CA SER B 87 17.21 26.29 -12.06
C SER B 87 18.42 26.13 -11.15
N PRO B 88 19.65 26.25 -11.67
CA PRO B 88 20.83 26.35 -10.83
C PRO B 88 20.81 27.52 -9.87
N ALA B 89 19.99 28.54 -10.15
CA ALA B 89 19.88 29.68 -9.24
C ALA B 89 19.35 29.25 -7.88
N ASN B 90 18.68 28.10 -7.86
CA ASN B 90 18.07 27.56 -6.65
C ASN B 90 19.02 26.62 -5.89
N ILE B 91 20.22 26.44 -6.40
CA ILE B 91 21.10 25.36 -5.92
C ILE B 91 22.36 25.95 -5.27
N ALA B 92 22.71 25.40 -4.10
CA ALA B 92 24.03 25.61 -3.47
C ALA B 92 24.74 24.27 -3.35
N ILE B 93 26.06 24.31 -3.42
CA ILE B 93 26.90 23.11 -3.34
C ILE B 93 27.71 23.16 -2.07
N GLY B 94 27.88 22.02 -1.43
CA GLY B 94 28.71 21.97 -0.23
C GLY B 94 29.35 20.61 -0.02
N GLU B 95 30.11 20.52 1.08
CA GLU B 95 30.92 19.36 1.40
CA GLU B 95 30.93 19.36 1.40
C GLU B 95 30.08 18.30 2.10
N GLY B 96 29.24 17.68 1.29
CA GLY B 96 28.22 16.80 1.75
C GLY B 96 27.10 17.53 2.46
N ILE B 97 26.05 16.80 2.80
CA ILE B 97 24.99 17.33 3.64
C ILE B 97 25.57 17.80 4.98
N ASP B 98 26.50 17.04 5.55
CA ASP B 98 27.05 17.43 6.87
C ASP B 98 27.70 18.81 6.79
N GLY B 99 28.43 19.08 5.72
CA GLY B 99 29.03 20.40 5.54
C GLY B 99 27.95 21.48 5.41
N LEU B 100 26.96 21.21 4.57
CA LEU B 100 25.85 22.14 4.38
C LEU B 100 25.09 22.41 5.69
N LEU B 101 24.88 21.38 6.50
CA LEU B 101 24.18 21.57 7.77
C LEU B 101 24.94 22.52 8.68
N GLY B 102 26.26 22.39 8.73
CA GLY B 102 27.06 23.30 9.52
C GLY B 102 26.91 24.73 9.06
N GLN B 103 26.89 24.91 7.73
CA GLN B 103 26.71 26.24 7.16
C GLN B 103 25.32 26.81 7.45
N ILE B 104 24.30 25.99 7.34
CA ILE B 104 22.93 26.42 7.65
C ILE B 104 22.82 26.88 9.10
N VAL B 105 23.38 26.11 10.01
CA VAL B 105 23.35 26.48 11.41
C VAL B 105 24.04 27.85 11.57
N ARG B 106 25.19 27.99 10.96
CA ARG B 106 25.96 29.24 11.06
C ARG B 106 25.15 30.44 10.53
N LEU B 107 24.38 30.21 9.48
CA LEU B 107 23.62 31.29 8.86
C LEU B 107 22.53 31.86 9.76
N VAL B 108 21.97 31.03 10.63
CA VAL B 108 20.76 31.36 11.36
CA VAL B 108 20.76 31.46 11.38
C VAL B 108 20.89 31.41 12.89
N VAL B 109 21.86 30.67 13.43
CA VAL B 109 21.87 30.45 14.88
C VAL B 109 22.86 31.35 15.59
N GLU B 110 22.30 32.23 16.42
CA GLU B 110 23.06 33.04 17.37
C GLU B 110 23.14 32.31 18.70
N ALA B 111 24.18 32.56 19.48
CA ALA B 111 24.33 31.94 20.77
C ALA B 111 23.04 32.07 21.58
N GLY B 112 22.58 30.94 22.09
CA GLY B 112 21.40 30.87 22.91
C GLY B 112 20.10 30.70 22.15
N ALA B 113 20.11 30.81 20.82
CA ALA B 113 18.87 30.63 20.06
C ALA B 113 18.38 29.20 20.13
N PRO B 114 17.06 29.02 20.30
CA PRO B 114 16.51 27.65 20.25
C PRO B 114 16.47 27.07 18.85
N VAL B 115 16.78 25.78 18.74
CA VAL B 115 16.77 25.08 17.45
C VAL B 115 16.01 23.78 17.68
N VAL B 116 15.00 23.52 16.86
CA VAL B 116 14.10 22.38 17.09
C VAL B 116 14.50 21.18 16.23
N THR B 117 14.52 20.01 16.86
CA THR B 117 14.77 18.79 16.16
C THR B 117 14.15 17.63 16.91
N SER B 118 14.29 16.42 16.39
CA SER B 118 13.75 15.24 17.01
C SER B 118 14.72 14.68 18.04
N LEU B 119 14.18 14.20 19.13
CA LEU B 119 14.97 13.52 20.18
C LEU B 119 15.53 12.22 19.64
N GLY B 120 16.86 12.11 19.53
CA GLY B 120 17.49 10.96 18.91
C GLY B 120 17.66 10.99 17.42
N GLY B 121 17.36 12.15 16.84
CA GLY B 121 17.50 12.37 15.42
C GLY B 121 18.96 12.55 15.03
N TYR B 122 19.16 12.82 13.77
CA TYR B 122 20.47 12.84 13.14
C TYR B 122 21.49 13.64 13.95
N PRO B 123 22.52 12.96 14.49
CA PRO B 123 23.35 13.63 15.49
C PRO B 123 24.31 14.71 14.98
N THR B 124 24.72 14.65 13.72
CA THR B 124 25.61 15.69 13.22
C THR B 124 24.93 17.06 13.24
N PHE B 125 23.62 17.10 13.07
CA PHE B 125 22.93 18.36 13.16
C PHE B 125 23.06 18.91 14.60
N ASN B 126 22.87 18.06 15.59
CA ASN B 126 22.99 18.48 16.98
C ASN B 126 24.39 18.98 17.29
N TYR B 127 25.40 18.30 16.74
CA TYR B 127 26.82 18.70 16.91
C TYR B 127 27.01 20.11 16.43
N HIS B 128 26.48 20.42 15.23
CA HIS B 128 26.64 21.77 14.72
C HIS B 128 25.89 22.81 15.54
N VAL B 129 24.68 22.48 15.98
CA VAL B 129 23.92 23.43 16.78
C VAL B 129 24.69 23.77 18.06
N ALA B 130 25.20 22.76 18.74
CA ALA B 130 25.94 22.98 19.99
C ALA B 130 27.19 23.80 19.70
N GLY B 131 27.85 23.50 18.60
CA GLY B 131 29.07 24.17 18.20
C GLY B 131 28.92 25.67 17.92
N HIS B 132 27.71 26.07 17.58
CA HIS B 132 27.39 27.47 17.36
C HIS B 132 26.68 28.12 18.53
N GLY B 133 26.54 27.40 19.63
CA GLY B 133 25.94 27.92 20.83
C GLY B 133 24.41 27.90 20.87
N GLY B 134 23.79 27.20 19.93
CA GLY B 134 22.32 27.03 19.95
C GLY B 134 21.83 26.17 21.10
N ARG B 135 20.59 26.41 21.51
CA ARG B 135 19.93 25.62 22.54
C ARG B 135 19.00 24.61 21.86
N LEU B 136 19.34 23.34 21.95
CA LEU B 136 18.57 22.31 21.27
C LEU B 136 17.25 22.09 22.00
N VAL B 137 16.17 22.08 21.23
CA VAL B 137 14.84 21.76 21.70
C VAL B 137 14.44 20.50 20.98
N THR B 138 14.25 19.42 21.73
CA THR B 138 14.01 18.14 21.12
C THR B 138 12.55 17.70 21.30
N VAL B 139 12.03 17.06 20.28
CA VAL B 139 10.65 16.57 20.23
C VAL B 139 10.74 15.04 20.08
N PRO B 140 10.15 14.29 21.03
CA PRO B 140 10.18 12.85 20.89
C PRO B 140 9.59 12.38 19.58
N TYR B 141 10.14 11.29 19.03
CA TYR B 141 9.51 10.62 17.87
C TYR B 141 8.08 10.22 18.27
N ALA B 142 7.22 10.20 17.28
CA ALA B 142 5.86 9.68 17.46
C ALA B 142 5.84 8.33 16.76
N ASP B 143 5.86 7.24 17.53
CA ASP B 143 5.82 5.87 16.91
C ASP B 143 6.79 5.70 15.71
N ASP B 144 8.03 5.91 16.01
CA ASP B 144 9.13 5.65 15.07
C ASP B 144 9.20 6.68 13.94
N ARG B 145 8.33 7.70 13.91
CA ARG B 145 8.45 8.79 12.93
C ARG B 145 8.79 10.09 13.59
N GLU B 146 9.52 10.93 12.86
CA GLU B 146 9.74 12.30 13.31
C GLU B 146 8.39 12.97 13.40
N ASP B 147 8.14 13.61 14.54
CA ASP B 147 6.78 14.09 14.84
C ASP B 147 6.53 15.46 14.23
N LEU B 148 5.98 15.50 13.01
CA LEU B 148 5.77 16.79 12.32
C LEU B 148 4.95 17.78 13.11
N GLU B 149 3.82 17.33 13.65
CA GLU B 149 2.97 18.21 14.44
C GLU B 149 3.69 18.75 15.66
N GLY B 150 4.48 17.89 16.31
CA GLY B 150 5.24 18.28 17.50
C GLY B 150 6.37 19.26 17.19
N LEU B 151 7.06 19.01 16.08
CA LEU B 151 8.09 19.94 15.63
C LEU B 151 7.50 21.31 15.38
N LEU B 152 6.35 21.37 14.73
CA LEU B 152 5.66 22.63 14.47
C LEU B 152 5.27 23.34 15.74
N ALA B 153 4.72 22.60 16.69
CA ALA B 153 4.30 23.21 17.95
C ALA B 153 5.48 23.72 18.77
N ALA B 154 6.59 22.98 18.76
CA ALA B 154 7.82 23.40 19.45
C ALA B 154 8.38 24.67 18.84
N VAL B 155 8.37 24.75 17.51
CA VAL B 155 8.81 25.97 16.84
C VAL B 155 7.96 27.16 17.30
N GLY B 156 6.66 26.95 17.35
CA GLY B 156 5.73 28.00 17.77
C GLY B 156 5.93 28.43 19.22
N ARG B 157 6.14 27.48 20.13
CA ARG B 157 6.35 27.80 21.53
C ARG B 157 7.62 28.59 21.75
N GLU B 158 8.66 28.27 20.97
CA GLU B 158 10.00 28.85 21.16
C GLU B 158 10.29 30.02 20.23
N ASN B 159 9.43 30.24 19.23
CA ASN B 159 9.75 31.10 18.07
CA ASN B 159 9.75 31.07 18.08
C ASN B 159 11.15 30.77 17.54
N ALA B 160 11.41 29.50 17.37
CA ALA B 160 12.74 29.06 16.97
C ALA B 160 13.03 29.49 15.54
N PRO B 161 14.26 29.94 15.27
CA PRO B 161 14.61 30.32 13.89
C PRO B 161 14.95 29.17 12.98
N LEU B 162 15.09 27.95 13.54
CA LEU B 162 15.57 26.82 12.75
C LEU B 162 14.93 25.53 13.24
N VAL B 163 14.55 24.67 12.29
CA VAL B 163 14.00 23.34 12.58
C VAL B 163 14.55 22.35 11.55
N TYR B 164 14.83 21.15 12.02
CA TYR B 164 15.38 20.07 11.19
C TYR B 164 14.36 18.93 11.04
N LEU B 165 14.24 18.43 9.82
CA LEU B 165 13.43 17.25 9.52
C LEU B 165 14.18 16.42 8.51
N ALA B 166 14.36 15.13 8.78
CA ALA B 166 14.87 14.21 7.76
C ALA B 166 13.71 13.36 7.23
N ASN B 167 13.57 13.29 5.91
CA ASN B 167 12.52 12.43 5.33
C ASN B 167 13.02 11.82 4.04
N PRO B 168 13.26 10.50 3.98
CA PRO B 168 13.15 9.56 5.07
C PRO B 168 14.09 9.83 6.25
N ASP B 169 13.74 9.24 7.38
CA ASP B 169 14.43 9.47 8.65
C ASP B 169 15.61 8.53 8.85
N ASN B 170 16.62 9.03 9.54
CA ASN B 170 17.75 8.28 10.12
C ASN B 170 17.69 8.57 11.62
N PRO B 171 17.59 7.57 12.51
CA PRO B 171 18.01 6.17 12.30
C PRO B 171 16.89 5.14 12.18
N GLY B 173 14.45 4.92 9.70
CA GLY B 173 14.16 4.53 8.33
C GLY B 173 12.76 4.91 7.84
N SER B 174 12.00 5.52 8.73
CA SER B 174 10.59 5.81 8.49
C SER B 174 10.40 7.01 7.59
N TRP B 175 9.18 7.25 7.17
CA TRP B 175 8.89 8.36 6.28
C TRP B 175 7.45 8.80 6.37
N TRP B 176 7.22 10.01 5.89
CA TRP B 176 5.91 10.61 5.76
C TRP B 176 5.58 10.80 4.27
N PRO B 177 4.28 10.77 3.95
CA PRO B 177 3.87 11.19 2.61
C PRO B 177 4.24 12.61 2.30
N ALA B 178 4.52 12.84 1.03
CA ALA B 178 4.90 14.18 0.56
C ALA B 178 3.94 15.28 1.01
N GLU B 179 2.65 15.01 0.93
CA GLU B 179 1.64 16.03 1.23
CA GLU B 179 1.64 16.02 1.25
C GLU B 179 1.71 16.46 2.71
N ARG B 180 2.06 15.54 3.61
CA ARG B 180 2.18 15.86 5.00
C ARG B 180 3.43 16.71 5.26
N VAL B 181 4.51 16.39 4.57
CA VAL B 181 5.74 17.17 4.69
C VAL B 181 5.51 18.61 4.17
N VAL B 182 4.85 18.73 3.03
CA VAL B 182 4.56 20.05 2.46
C VAL B 182 3.66 20.86 3.41
N ALA B 183 2.61 20.22 3.94
CA ALA B 183 1.71 20.92 4.84
C ALA B 183 2.47 21.43 6.09
N PHE B 184 3.36 20.59 6.61
CA PHE B 184 4.24 20.97 7.71
C PHE B 184 5.09 22.19 7.35
N ALA B 185 5.75 22.11 6.22
CA ALA B 185 6.63 23.20 5.79
C ALA B 185 5.86 24.50 5.60
N GLN B 186 4.67 24.42 5.01
CA GLN B 186 3.84 25.59 4.75
C GLN B 186 3.25 26.20 6.03
N ALA B 187 3.14 25.38 7.09
CA ALA B 187 2.57 25.84 8.35
C ALA B 187 3.57 26.56 9.25
N LEU B 188 4.85 26.37 8.99
CA LEU B 188 5.87 27.06 9.77
C LEU B 188 5.78 28.57 9.57
N PRO B 189 6.10 29.35 10.60
CA PRO B 189 6.27 30.80 10.41
C PRO B 189 7.33 31.08 9.36
N GLU B 190 7.17 32.14 8.58
CA GLU B 190 8.22 32.43 7.56
C GLU B 190 9.52 32.90 8.17
N THR B 191 9.48 33.19 9.47
CA THR B 191 10.68 33.54 10.23
C THR B 191 11.38 32.33 10.85
N THR B 192 10.95 31.14 10.50
CA THR B 192 11.63 29.91 10.88
C THR B 192 12.10 29.21 9.61
N LEU B 193 13.38 28.87 9.57
CA LEU B 193 13.95 28.12 8.45
C LEU B 193 13.84 26.62 8.72
N LEU B 194 13.26 25.90 7.76
CA LEU B 194 13.24 24.44 7.77
C LEU B 194 14.38 23.92 6.91
N VAL B 195 15.19 23.05 7.49
CA VAL B 195 16.10 22.22 6.69
CA VAL B 195 16.08 22.20 6.72
C VAL B 195 15.48 20.83 6.58
N LEU B 196 15.18 20.46 5.35
CA LEU B 196 14.56 19.19 5.01
C LEU B 196 15.67 18.32 4.44
N ASP B 197 16.12 17.36 5.25
CA ASP B 197 17.26 16.50 4.91
C ASP B 197 16.78 15.29 4.12
N GLU B 198 17.08 15.30 2.83
CA GLU B 198 16.68 14.24 1.91
C GLU B 198 17.86 13.38 1.45
N ALA B 199 18.74 13.06 2.41
CA ALA B 199 19.84 12.14 2.14
C ALA B 199 19.38 10.84 1.50
N TYR B 200 18.16 10.41 1.85
CA TYR B 200 17.58 9.15 1.33
CA TYR B 200 17.57 9.16 1.31
C TYR B 200 16.52 9.31 0.22
N GLU B 202 16.88 8.98 -2.90
CA GLU B 202 17.00 7.97 -3.97
C GLU B 202 16.38 6.60 -3.66
N THR B 203 16.30 6.24 -2.38
CA THR B 203 15.75 4.96 -1.95
C THR B 203 14.30 5.08 -1.49
N ALA B 204 13.77 6.29 -1.47
CA ALA B 204 12.41 6.52 -0.97
C ALA B 204 11.35 6.20 -2.02
N PRO B 205 10.18 5.77 -1.57
CA PRO B 205 9.05 5.77 -2.54
C PRO B 205 8.81 7.17 -3.06
N ARG B 206 8.41 7.28 -4.32
CA ARG B 206 8.27 8.60 -4.91
C ARG B 206 7.20 9.43 -4.16
N ASP B 207 6.19 8.79 -3.59
CA ASP B 207 5.15 9.53 -2.89
C ASP B 207 5.55 10.08 -1.51
N ALA B 208 6.79 9.83 -1.09
CA ALA B 208 7.34 10.42 0.15
C ALA B 208 7.91 11.81 -0.08
N LEU B 209 8.22 12.12 -1.33
CA LEU B 209 9.07 13.29 -1.64
C LEU B 209 8.29 14.42 -2.25
N PRO B 210 8.30 15.59 -1.59
CA PRO B 210 7.60 16.72 -2.19
C PRO B 210 8.14 17.05 -3.57
N PRO B 211 7.23 17.36 -4.52
CA PRO B 211 7.72 17.87 -5.80
C PRO B 211 8.57 19.13 -5.56
N ILE B 212 9.57 19.36 -6.40
CA ILE B 212 10.38 20.55 -6.22
C ILE B 212 9.53 21.83 -6.21
N GLU B 213 8.59 21.90 -7.14
CA GLU B 213 7.77 23.09 -7.27
C GLU B 213 6.93 23.40 -6.02
N SER B 214 6.66 22.40 -5.19
CA SER B 214 5.80 22.62 -4.03
C SER B 214 6.46 23.47 -2.94
N LEU B 215 7.79 23.50 -2.91
CA LEU B 215 8.50 24.24 -1.86
C LEU B 215 9.51 25.25 -2.36
N ILE B 216 9.84 25.21 -3.64
CA ILE B 216 10.99 25.96 -4.15
C ILE B 216 10.87 27.49 -4.03
N ASP B 217 9.64 28.00 -3.91
CA ASP B 217 9.44 29.45 -3.77
C ASP B 217 9.42 29.95 -2.32
N LYS B 218 9.60 29.05 -1.36
CA LYS B 218 9.56 29.42 0.04
CA LYS B 218 9.57 29.43 0.04
C LYS B 218 10.94 29.89 0.52
N PRO B 219 11.06 31.15 0.96
CA PRO B 219 12.38 31.64 1.43
C PRO B 219 12.91 30.91 2.67
N ASN B 220 12.00 30.23 3.38
CA ASN B 220 12.32 29.58 4.64
C ASN B 220 12.35 28.05 4.55
N VAL B 221 12.62 27.50 3.37
CA VAL B 221 12.80 26.06 3.21
C VAL B 221 14.06 25.82 2.41
N ILE B 222 14.88 24.93 2.95
CA ILE B 222 16.03 24.44 2.23
CA ILE B 222 16.09 24.42 2.28
C ILE B 222 16.05 22.90 2.30
N ARG B 223 16.21 22.27 1.15
CA ARG B 223 16.25 20.83 1.03
C ARG B 223 17.67 20.39 0.74
N ALA B 224 18.15 19.36 1.42
CA ALA B 224 19.54 18.92 1.25
C ALA B 224 19.60 17.51 0.71
N ARG B 225 20.51 17.28 -0.24
CA ARG B 225 20.68 15.97 -0.86
C ARG B 225 22.16 15.68 -1.03
N THR B 226 22.47 14.40 -1.28
CA THR B 226 23.85 13.94 -1.24
C THR B 226 24.16 12.91 -2.30
N PHE B 227 25.46 12.78 -2.59
CA PHE B 227 25.97 11.67 -3.39
C PHE B 227 26.55 10.53 -2.53
N SER B 228 26.43 10.66 -1.20
CA SER B 228 27.10 9.72 -0.30
C SER B 228 26.45 8.38 -0.11
N LYS B 229 25.18 8.27 -0.46
CA LYS B 229 24.39 7.09 -0.10
C LYS B 229 24.13 6.22 -1.33
N ALA B 230 22.95 6.24 -1.91
CA ALA B 230 22.69 5.42 -3.10
C ALA B 230 23.68 5.62 -4.24
N TYR B 231 24.20 6.84 -4.43
CA TYR B 231 25.16 7.08 -5.51
C TYR B 231 26.55 6.50 -5.25
N GLY B 232 26.85 6.16 -3.99
CA GLY B 232 28.08 5.43 -3.67
C GLY B 232 29.34 6.29 -3.59
N LEU B 233 29.20 7.56 -3.20
CA LEU B 233 30.33 8.49 -3.22
C LEU B 233 30.58 9.19 -1.88
N ALA B 234 30.37 8.46 -0.79
CA ALA B 234 30.56 9.02 0.54
C ALA B 234 31.92 9.66 0.71
N GLY B 235 32.94 9.00 0.20
CA GLY B 235 34.33 9.51 0.32
C GLY B 235 34.64 10.74 -0.51
N ALA B 236 33.77 11.08 -1.45
CA ALA B 236 33.93 12.28 -2.29
C ALA B 236 33.38 13.61 -1.74
N ARG B 237 32.49 13.56 -0.78
CA ARG B 237 31.94 14.73 -0.11
C ARG B 237 31.25 15.73 -1.00
N ILE B 238 30.17 15.30 -1.65
CA ILE B 238 29.42 16.24 -2.51
C ILE B 238 27.98 16.26 -2.07
N GLY B 239 27.52 17.43 -1.66
CA GLY B 239 26.10 17.61 -1.30
C GLY B 239 25.58 18.87 -1.95
N TYR B 240 24.27 18.99 -2.01
CA TYR B 240 23.67 20.19 -2.60
CA TYR B 240 23.66 20.18 -2.61
C TYR B 240 22.35 20.50 -1.92
N THR B 241 21.92 21.74 -2.07
CA THR B 241 20.66 22.20 -1.50
C THR B 241 19.79 22.81 -2.57
N LEU B 242 18.48 22.79 -2.30
CA LEU B 242 17.46 23.40 -3.14
C LEU B 242 16.71 24.41 -2.32
N SER B 243 16.65 25.65 -2.79
CA SER B 243 16.03 26.73 -2.03
C SER B 243 15.68 27.85 -2.99
N THR B 244 15.20 28.97 -2.45
CA THR B 244 15.10 30.18 -3.31
C THR B 244 16.49 30.66 -3.68
N PRO B 245 16.59 31.51 -4.70
CA PRO B 245 17.88 32.04 -5.06
C PRO B 245 18.52 32.89 -3.96
N GLY B 246 17.72 33.68 -3.25
CA GLY B 246 18.27 34.51 -2.17
C GLY B 246 18.83 33.67 -1.04
N THR B 247 18.13 32.58 -0.70
CA THR B 247 18.64 31.68 0.34
C THR B 247 19.89 30.96 -0.14
N ALA B 248 19.92 30.56 -1.41
CA ALA B 248 21.07 29.87 -1.97
C ALA B 248 22.31 30.79 -1.96
N GLN B 249 22.08 32.06 -2.26
CA GLN B 249 23.18 33.03 -2.30
C GLN B 249 23.84 33.27 -0.96
N ALA B 250 23.10 33.04 0.13
CA ALA B 250 23.65 33.28 1.47
C ALA B 250 24.87 32.40 1.76
N PHE B 251 24.93 31.22 1.14
CA PHE B 251 26.08 30.33 1.33
C PHE B 251 27.36 30.97 0.81
N ASP B 252 27.25 31.87 -0.16
CA ASP B 252 28.43 32.56 -0.68
C ASP B 252 29.09 33.51 0.33
N LYS B 253 28.37 33.85 1.39
CA LYS B 253 28.90 34.75 2.41
CA LYS B 253 28.93 34.74 2.41
C LYS B 253 29.89 34.04 3.35
N ILE B 254 29.75 32.71 3.44
CA ILE B 254 30.46 31.94 4.48
C ILE B 254 31.00 30.61 4.00
N ARG B 255 31.29 30.46 2.72
CA ARG B 255 31.74 29.17 2.24
C ARG B 255 33.09 29.35 1.70
N ASN B 256 33.87 28.28 1.76
CA ASN B 256 35.19 28.29 1.16
CA ASN B 256 35.19 28.29 1.19
C ASN B 256 34.97 28.08 -0.32
N HIS B 257 35.08 29.18 -1.06
CA HIS B 257 34.66 29.28 -2.47
CA HIS B 257 34.69 29.29 -2.46
C HIS B 257 35.38 28.28 -3.40
N PHE B 258 36.65 28.02 -3.12
CA PHE B 258 37.41 27.07 -3.91
C PHE B 258 37.52 25.71 -3.20
N GLY B 259 36.60 25.46 -2.27
CA GLY B 259 36.74 24.35 -1.35
C GLY B 259 36.35 22.98 -1.88
N SER B 261 36.19 19.46 -3.81
CA SER B 261 37.10 18.50 -4.44
C SER B 261 36.85 18.44 -5.95
N ARG B 262 37.87 18.71 -6.74
CA ARG B 262 37.71 18.69 -8.17
C ARG B 262 37.36 17.28 -8.70
N ILE B 263 38.01 16.24 -8.14
CA ILE B 263 37.69 14.87 -8.54
C ILE B 263 36.29 14.46 -8.10
N GLY B 264 35.91 14.89 -6.90
CA GLY B 264 34.59 14.59 -6.38
C GLY B 264 33.50 15.22 -7.24
N VAL B 265 33.73 16.45 -7.67
CA VAL B 265 32.77 17.10 -8.59
C VAL B 265 32.63 16.29 -9.88
N ALA B 266 33.74 15.87 -10.46
CA ALA B 266 33.68 15.04 -11.66
C ALA B 266 32.94 13.73 -11.45
N ALA B 267 33.17 13.13 -10.29
CA ALA B 267 32.50 11.87 -9.94
C ALA B 267 30.97 12.08 -9.83
N ALA B 268 30.59 13.17 -9.18
CA ALA B 268 29.18 13.49 -9.00
C ALA B 268 28.45 13.73 -10.32
N ILE B 269 29.08 14.47 -11.20
CA ILE B 269 28.52 14.72 -12.51
C ILE B 269 28.30 13.41 -13.28
N ALA B 270 29.29 12.53 -13.21
CA ALA B 270 29.16 11.20 -13.82
C ALA B 270 28.07 10.36 -13.16
N ALA B 271 27.96 10.45 -11.84
CA ALA B 271 26.97 9.68 -11.09
C ALA B 271 25.56 10.08 -11.52
N LEU B 272 25.35 11.38 -11.67
CA LEU B 272 24.06 11.90 -12.15
CA LEU B 272 24.07 11.89 -12.13
C LEU B 272 23.73 11.36 -13.52
N ALA B 273 24.73 11.29 -14.38
CA ALA B 273 24.53 10.84 -15.73
C ALA B 273 24.11 9.35 -15.80
N ASP B 274 24.51 8.54 -14.84
CA ASP B 274 24.27 7.09 -14.91
C ASP B 274 23.06 6.66 -14.08
N GLN B 275 21.90 7.08 -14.55
CA GLN B 275 20.66 6.76 -13.86
C GLN B 275 20.32 5.28 -13.99
N ASP B 276 20.81 4.60 -15.04
CA ASP B 276 20.63 3.15 -15.14
C ASP B 276 21.30 2.45 -13.98
N TYR B 277 22.53 2.89 -13.66
CA TYR B 277 23.21 2.28 -12.52
C TYR B 277 22.48 2.58 -11.20
N LEU B 278 22.02 3.81 -11.05
CA LEU B 278 21.27 4.16 -9.86
C LEU B 278 20.06 3.25 -9.69
N LYS B 279 19.35 3.00 -10.75
CA LYS B 279 18.19 2.09 -10.68
C LYS B 279 18.60 0.71 -10.22
N GLU B 280 19.68 0.19 -10.80
CA GLU B 280 20.20 -1.10 -10.41
C GLU B 280 20.52 -1.15 -8.95
N VAL B 281 21.23 -0.15 -8.46
CA VAL B 281 21.67 -0.18 -7.10
CA VAL B 281 21.66 -0.14 -7.06
C VAL B 281 20.48 0.00 -6.11
N THR B 282 19.51 0.82 -6.47
CA THR B 282 18.35 0.98 -5.58
C THR B 282 17.55 -0.32 -5.47
N LEU B 283 17.50 -1.13 -6.52
CA LEU B 283 16.87 -2.44 -6.43
CA LEU B 283 16.88 -2.45 -6.44
C LEU B 283 17.69 -3.39 -5.54
N LYS B 284 19.01 -3.32 -5.65
CA LYS B 284 19.86 -4.14 -4.81
C LYS B 284 19.71 -3.74 -3.36
N ILE B 285 19.56 -2.45 -3.11
CA ILE B 285 19.34 -1.96 -1.73
C ILE B 285 18.04 -2.49 -1.20
N ALA B 286 16.98 -2.42 -2.02
CA ALA B 286 15.68 -2.92 -1.57
C ALA B 286 15.73 -4.40 -1.24
N ASN B 287 16.42 -5.17 -2.09
CA ASN B 287 16.60 -6.59 -1.85
C ASN B 287 17.36 -6.87 -0.55
N SER B 288 18.41 -6.08 -0.32
CA SER B 288 19.17 -6.24 0.89
C SER B 288 18.34 -5.88 2.12
N ARG B 289 17.50 -4.84 2.04
CA ARG B 289 16.65 -4.52 3.18
C ARG B 289 15.78 -5.73 3.56
N GLN B 290 15.21 -6.38 2.55
CA GLN B 290 14.40 -7.56 2.79
C GLN B 290 15.20 -8.67 3.44
N ARG B 291 16.41 -8.88 2.94
CA ARG B 291 17.28 -9.91 3.49
C ARG B 291 17.61 -9.62 4.97
N ILE B 292 17.91 -8.36 5.28
CA ILE B 292 18.15 -7.98 6.68
C ILE B 292 16.94 -8.29 7.54
N GLY B 293 15.75 -7.98 7.01
CA GLY B 293 14.52 -8.24 7.72
C GLY B 293 14.33 -9.73 8.03
N ARG B 294 14.65 -10.56 7.05
CA ARG B 294 14.57 -12.02 7.23
C ARG B 294 15.56 -12.50 8.29
N ILE B 295 16.79 -11.99 8.21
CA ILE B 295 17.83 -12.38 9.15
C ILE B 295 17.43 -11.98 10.57
N ALA B 296 16.93 -10.75 10.69
CA ALA B 296 16.49 -10.24 12.00
C ALA B 296 15.38 -11.14 12.55
N ALA B 297 14.38 -11.41 11.72
CA ALA B 297 13.22 -12.22 12.14
C ALA B 297 13.65 -13.62 12.53
N ASP B 298 14.58 -14.19 11.76
CA ASP B 298 15.09 -15.54 12.05
C ASP B 298 15.78 -15.64 13.41
N SER B 299 16.29 -14.51 13.90
CA SER B 299 16.89 -14.43 15.24
C SER B 299 15.95 -13.92 16.33
N GLY B 300 14.67 -13.81 16.02
CA GLY B 300 13.66 -13.36 16.96
C GLY B 300 13.59 -11.87 17.20
N LEU B 301 14.16 -11.09 16.28
CA LEU B 301 14.17 -9.63 16.39
C LEU B 301 13.12 -9.07 15.45
N ALA B 302 12.81 -7.78 15.61
CA ALA B 302 11.74 -7.13 14.86
C ALA B 302 12.27 -6.03 13.94
N PRO B 303 12.40 -6.31 12.64
CA PRO B 303 12.82 -5.25 11.73
C PRO B 303 11.71 -4.24 11.46
N LEU B 304 12.11 -2.99 11.26
CA LEU B 304 11.16 -1.89 11.00
CA LEU B 304 11.17 -1.90 11.01
C LEU B 304 11.15 -1.56 9.52
N PRO B 305 10.01 -1.09 9.01
CA PRO B 305 9.95 -0.67 7.59
C PRO B 305 10.95 0.43 7.30
N SER B 306 11.49 0.44 6.09
CA SER B 306 12.50 1.41 5.76
C SER B 306 12.38 1.92 4.34
N ALA B 307 12.68 3.21 4.16
CA ALA B 307 12.82 3.86 2.86
C ALA B 307 14.26 4.36 2.65
N THR B 308 15.22 3.74 3.36
CA THR B 308 16.62 4.20 3.32
C THR B 308 17.50 3.08 2.78
N ASN B 309 18.82 3.19 3.00
CA ASN B 309 19.74 2.10 2.69
C ASN B 309 20.17 1.30 3.92
N PHE B 310 19.33 1.28 4.96
CA PHE B 310 19.58 0.51 6.18
C PHE B 310 18.24 0.01 6.70
N VAL B 311 18.30 -0.88 7.67
CA VAL B 311 17.11 -1.32 8.40
C VAL B 311 17.35 -1.19 9.89
N ALA B 312 16.44 -0.51 10.58
CA ALA B 312 16.43 -0.49 12.04
C ALA B 312 15.73 -1.74 12.56
N VAL B 313 16.33 -2.33 13.59
CA VAL B 313 15.86 -3.60 14.14
C VAL B 313 15.63 -3.45 15.63
N ASP B 314 14.41 -3.74 16.06
CA ASP B 314 14.04 -3.66 17.47
C ASP B 314 14.44 -4.98 18.10
N CYS B 315 15.33 -4.89 19.09
CA CYS B 315 15.92 -6.10 19.67
C CYS B 315 15.08 -6.62 20.83
N GLY B 316 14.01 -5.87 21.16
CA GLY B 316 12.94 -6.39 21.99
C GLY B 316 13.22 -6.35 23.48
N LYS B 317 14.34 -5.77 23.86
CA LYS B 317 14.72 -5.70 25.28
C LYS B 317 15.11 -4.25 25.56
N ASP B 318 16.28 -4.03 26.15
CA ASP B 318 16.70 -2.68 26.54
C ASP B 318 17.91 -2.25 25.73
N ALA B 319 18.45 -1.08 26.06
CA ALA B 319 19.60 -0.52 25.35
C ALA B 319 20.89 -1.31 25.59
N SER B 320 21.06 -1.87 26.79
CA SER B 320 22.29 -2.63 27.09
C SER B 320 22.35 -3.93 26.27
N TYR B 321 21.19 -4.48 25.92
CA TYR B 321 21.13 -5.67 25.07
C TYR B 321 21.55 -5.31 23.65
N ALA B 322 20.96 -4.25 23.12
CA ALA B 322 21.30 -3.77 21.77
C ALA B 322 22.81 -3.49 21.69
N ARG B 323 23.36 -2.84 22.71
CA ARG B 323 24.81 -2.55 22.76
C ARG B 323 25.67 -3.81 22.74
N ALA B 324 25.25 -4.80 23.51
CA ALA B 324 25.95 -6.11 23.53
C ALA B 324 25.95 -6.79 22.16
N ILE B 325 24.86 -6.66 21.42
CA ILE B 325 24.80 -7.20 20.06
C ILE B 325 25.81 -6.49 19.14
N VAL B 326 25.82 -5.17 19.19
CA VAL B 326 26.76 -4.38 18.35
C VAL B 326 28.21 -4.79 18.66
N ASP B 327 28.53 -4.84 19.95
CA ASP B 327 29.91 -5.06 20.37
C ASP B 327 30.37 -6.49 20.01
N ARG B 328 29.49 -7.47 20.22
CA ARG B 328 29.85 -8.86 19.90
C ARG B 328 29.94 -9.17 18.42
N LEU B 329 29.07 -8.53 17.62
CA LEU B 329 29.20 -8.68 16.18
C LEU B 329 30.59 -8.23 15.72
N SER B 331 33.48 -7.69 17.77
CA SER B 331 34.58 -8.39 18.46
C SER B 331 34.72 -9.86 18.03
N ASP B 332 33.60 -10.56 17.87
CA ASP B 332 33.60 -11.98 17.54
C ASP B 332 33.52 -12.31 16.05
N HIS B 333 33.00 -11.39 15.24
CA HIS B 333 32.76 -11.67 13.80
C HIS B 333 33.23 -10.62 12.82
N GLY B 334 33.76 -9.50 13.32
CA GLY B 334 34.24 -8.46 12.42
C GLY B 334 33.13 -7.77 11.65
N ILE B 335 31.95 -7.78 12.23
CA ILE B 335 30.79 -7.14 11.61
C ILE B 335 30.54 -5.81 12.32
N PHE B 336 30.54 -4.75 11.52
CA PHE B 336 30.38 -3.40 11.98
C PHE B 336 28.93 -2.95 11.69
N ILE B 337 28.16 -2.77 12.78
CA ILE B 337 26.85 -2.10 12.73
C ILE B 337 26.83 -0.97 13.77
N ARG B 338 25.73 -0.24 13.85
CA ARG B 338 25.58 0.84 14.85
C ARG B 338 24.22 0.76 15.55
N PRO B 340 20.93 3.53 17.53
CA PRO B 340 20.56 4.90 18.00
C PRO B 340 21.00 5.18 19.45
N GLY B 341 20.90 6.44 19.86
CA GLY B 341 21.48 6.90 21.12
C GLY B 341 20.53 7.38 22.22
N VAL B 342 19.22 7.31 21.98
CA VAL B 342 18.23 7.71 23.01
C VAL B 342 17.07 6.72 23.08
N ALA B 343 16.48 6.58 24.27
CA ALA B 343 15.26 5.76 24.43
C ALA B 343 14.04 6.46 23.78
N PRO B 344 13.10 5.69 23.22
CA PRO B 344 13.17 4.23 23.17
C PRO B 344 13.79 3.72 21.86
N LEU B 345 14.34 4.64 21.06
CA LEU B 345 14.98 4.29 19.77
C LEU B 345 16.15 3.32 19.99
N ASN B 346 16.85 3.48 21.11
CA ASN B 346 18.03 2.63 21.42
C ASN B 346 17.69 1.21 21.89
N ARG B 347 16.41 0.86 21.90
CA ARG B 347 16.00 -0.57 21.90
C ARG B 347 16.45 -1.23 20.58
N CYS B 348 16.84 -0.38 19.60
CA CYS B 348 17.15 -0.83 18.26
C CYS B 348 18.67 -0.84 17.91
N ILE B 349 19.01 -1.65 16.93
CA ILE B 349 20.29 -1.59 16.21
C ILE B 349 19.98 -1.11 14.79
N ARG B 350 20.99 -0.64 14.07
CA ARG B 350 20.77 -0.16 12.69
C ARG B 350 21.76 -0.86 11.80
N ILE B 351 21.26 -1.58 10.81
CA ILE B 351 22.08 -2.42 9.97
C ILE B 351 22.02 -1.89 8.54
N SER B 352 23.16 -1.51 7.98
CA SER B 352 23.20 -1.01 6.61
C SER B 352 23.10 -2.14 5.59
N THR B 353 22.48 -1.83 4.45
CA THR B 353 22.42 -2.77 3.35
C THR B 353 23.80 -2.98 2.74
N ALA B 354 23.95 -4.10 2.04
CA ALA B 354 25.23 -4.49 1.48
C ALA B 354 25.05 -5.65 0.51
N PRO B 355 26.10 -5.90 -0.30
CA PRO B 355 26.09 -7.06 -1.18
C PRO B 355 25.91 -8.41 -0.47
N ASP B 356 25.66 -9.43 -1.28
CA ASP B 356 25.32 -10.74 -0.74
C ASP B 356 26.38 -11.34 0.18
N ALA B 357 27.66 -11.10 -0.12
CA ALA B 357 28.73 -11.64 0.73
C ALA B 357 28.59 -11.18 2.18
N GLU B 358 28.35 -9.89 2.37
CA GLU B 358 28.10 -9.35 3.70
C GLU B 358 26.82 -9.85 4.33
N ASP B 360 25.41 -12.74 3.78
CA ASP B 360 25.65 -14.14 4.17
C ASP B 360 26.42 -14.21 5.48
N LEU B 361 27.41 -13.34 5.65
CA LEU B 361 28.18 -13.27 6.90
CA LEU B 361 28.16 -13.27 6.90
C LEU B 361 27.25 -12.90 8.06
N LEU B 362 26.41 -11.89 7.85
CA LEU B 362 25.48 -11.45 8.90
C LEU B 362 24.50 -12.56 9.27
N ALA B 363 24.01 -13.29 8.27
CA ALA B 363 23.06 -14.38 8.49
C ALA B 363 23.61 -15.50 9.37
N ALA B 364 24.90 -15.76 9.24
CA ALA B 364 25.59 -16.76 10.05
C ALA B 364 25.88 -16.23 11.45
N ALA B 365 26.30 -14.97 11.52
CA ALA B 365 26.80 -14.40 12.77
C ALA B 365 25.71 -13.99 13.76
N LEU B 366 24.65 -13.40 13.26
CA LEU B 366 23.67 -12.83 14.19
C LEU B 366 23.05 -13.90 15.12
N PRO B 367 22.63 -15.07 14.57
CA PRO B 367 22.07 -16.07 15.50
C PRO B 367 23.07 -16.51 16.56
N GLU B 368 24.34 -16.66 16.17
CA GLU B 368 25.40 -17.01 17.13
C GLU B 368 25.53 -15.98 18.25
N VAL B 369 25.45 -14.70 17.89
CA VAL B 369 25.49 -13.62 18.88
C VAL B 369 24.28 -13.66 19.82
N ILE B 370 23.09 -13.80 19.26
CA ILE B 370 21.87 -13.82 20.05
C ILE B 370 21.90 -15.04 20.98
N ARG B 371 22.28 -16.20 20.44
CA ARG B 371 22.45 -17.42 21.22
C ARG B 371 23.46 -17.21 22.36
N SER B 372 24.58 -16.55 22.08
CA SER B 372 25.64 -16.34 23.09
C SER B 372 25.20 -15.39 24.21
N LEU B 373 24.27 -14.50 23.91
CA LEU B 373 23.73 -13.57 24.90
C LEU B 373 22.63 -14.15 25.78
N ALA B 374 22.00 -15.22 25.35
CA ALA B 374 20.90 -15.83 26.13
C ALA B 374 21.41 -16.55 27.39
N SER C 3 -21.38 -41.04 -21.01
CA SER C 3 -22.84 -41.12 -21.32
C SER C 3 -23.17 -42.38 -22.12
N SER C 5 -24.20 -42.02 -24.80
CA SER C 5 -23.94 -41.56 -26.16
C SER C 5 -22.45 -41.61 -26.56
N ALA C 6 -21.59 -42.13 -25.70
CA ALA C 6 -20.16 -42.18 -26.00
C ALA C 6 -19.79 -43.22 -27.06
N PHE C 7 -18.78 -42.91 -27.86
CA PHE C 7 -18.18 -43.90 -28.76
C PHE C 7 -17.92 -45.19 -27.98
N SER C 8 -18.25 -46.32 -28.59
CA SER C 8 -18.18 -47.60 -27.90
C SER C 8 -16.81 -48.29 -27.84
N ARG C 9 -15.81 -47.72 -28.51
CA ARG C 9 -14.49 -48.36 -28.61
C ARG C 9 -13.31 -47.46 -28.23
N PHE C 10 -13.50 -46.66 -27.19
CA PHE C 10 -12.38 -45.98 -26.56
C PHE C 10 -11.49 -47.08 -26.01
N THR C 11 -10.23 -46.77 -25.74
CA THR C 11 -9.33 -47.82 -25.23
C THR C 11 -9.82 -48.32 -23.89
N PRO C 12 -9.46 -49.56 -23.51
CA PRO C 12 -9.91 -50.01 -22.20
C PRO C 12 -9.45 -49.13 -21.06
N LEU C 13 -8.26 -48.57 -21.17
CA LEU C 13 -7.80 -47.61 -20.19
C LEU C 13 -8.77 -46.43 -20.07
N ILE C 14 -9.09 -45.83 -21.21
CA ILE C 14 -9.96 -44.64 -21.20
C ILE C 14 -11.34 -44.98 -20.62
N GLN C 15 -11.85 -46.14 -20.98
CA GLN C 15 -13.14 -46.57 -20.47
C GLN C 15 -13.14 -46.67 -18.94
N SER C 16 -12.00 -47.04 -18.37
CA SER C 16 -11.89 -47.20 -16.91
C SER C 16 -11.74 -45.89 -16.11
N LEU C 17 -11.35 -44.81 -16.78
CA LEU C 17 -11.09 -43.55 -16.07
C LEU C 17 -12.41 -42.93 -15.61
N PHE C 23 -10.13 -30.31 -9.29
CA PHE C 23 -10.23 -28.93 -8.80
C PHE C 23 -11.41 -28.20 -9.44
N VAL C 24 -12.19 -27.50 -8.62
CA VAL C 24 -13.19 -26.56 -9.13
C VAL C 24 -12.53 -25.18 -9.35
N GLY C 25 -12.61 -24.69 -10.58
CA GLY C 25 -12.02 -23.41 -10.92
C GLY C 25 -12.81 -22.25 -10.38
N PRO C 26 -12.18 -21.08 -10.27
CA PRO C 26 -12.87 -19.92 -9.68
C PRO C 26 -14.09 -19.47 -10.51
N GLU C 27 -14.05 -19.60 -11.83
CA GLU C 27 -15.21 -19.19 -12.63
C GLU C 27 -16.40 -20.08 -12.33
N ALA C 28 -16.15 -21.37 -12.15
CA ALA C 28 -17.20 -22.31 -11.79
C ALA C 28 -17.74 -22.00 -10.38
N LEU C 29 -16.86 -21.63 -9.45
CA LEU C 29 -17.32 -21.20 -8.12
C LEU C 29 -18.25 -20.01 -8.18
N GLU C 30 -17.92 -19.06 -9.04
CA GLU C 30 -18.79 -17.89 -9.18
C GLU C 30 -20.17 -18.30 -9.67
N ARG C 31 -20.20 -19.21 -10.65
CA ARG C 31 -21.47 -19.67 -11.19
C ARG C 31 -22.25 -20.40 -10.12
N GLN C 32 -21.58 -21.24 -9.34
CA GLN C 32 -22.24 -22.01 -8.24
C GLN C 32 -22.79 -21.13 -7.13
N HIS C 33 -22.02 -20.14 -6.71
CA HIS C 33 -22.40 -19.25 -5.61
C HIS C 33 -23.22 -18.03 -6.06
N GLY C 34 -23.33 -17.85 -7.36
CA GLY C 34 -24.07 -16.70 -7.90
C GLY C 34 -23.51 -15.39 -7.38
N ARG C 35 -22.19 -15.26 -7.35
CA ARG C 35 -21.54 -13.99 -6.99
C ARG C 35 -20.12 -13.94 -7.56
N LYS C 36 -19.60 -12.74 -7.73
CA LYS C 36 -18.24 -12.57 -8.23
C LYS C 36 -17.26 -12.77 -7.08
N ILE C 37 -16.09 -13.24 -7.43
CA ILE C 37 -15.02 -13.36 -6.46
C ILE C 37 -14.47 -11.97 -6.18
N ALA C 38 -14.38 -11.60 -4.92
CA ALA C 38 -13.80 -10.30 -4.50
C ALA C 38 -12.28 -10.39 -4.27
N ALA C 39 -11.79 -11.56 -3.88
CA ALA C 39 -10.32 -11.77 -3.74
C ALA C 39 -10.03 -13.16 -4.30
N ARG C 40 -9.33 -13.16 -5.41
CA ARG C 40 -9.01 -14.39 -6.14
C ARG C 40 -7.63 -14.86 -5.66
N ILE C 41 -7.62 -15.65 -4.60
CA ILE C 41 -6.35 -16.01 -3.89
C ILE C 41 -6.31 -17.49 -3.54
N GLY C 42 -6.75 -18.29 -4.51
CA GLY C 42 -6.88 -19.73 -4.30
C GLY C 42 -6.16 -20.62 -5.31
N ALA C 43 -5.67 -20.06 -6.41
CA ALA C 43 -5.03 -20.85 -7.46
C ALA C 43 -3.58 -20.46 -7.70
N ASN C 44 -3.02 -19.66 -6.80
CA ASN C 44 -1.63 -19.21 -6.89
C ASN C 44 -1.33 -18.39 -8.12
N GLU C 45 -2.36 -17.78 -8.69
CA GLU C 45 -2.19 -16.82 -9.77
C GLU C 45 -1.62 -15.56 -9.17
N SER C 46 -0.81 -14.84 -9.92
CA SER C 46 -0.16 -13.64 -9.38
C SER C 46 -0.95 -12.39 -9.74
N GLY C 47 -1.78 -11.93 -8.81
CA GLY C 47 -2.59 -10.73 -9.02
C GLY C 47 -1.79 -9.45 -9.12
N PHE C 48 -0.51 -9.51 -8.78
CA PHE C 48 0.41 -8.42 -9.06
C PHE C 48 0.55 -8.19 -10.57
N GLY C 49 0.35 -9.25 -11.34
CA GLY C 49 0.37 -9.14 -12.79
C GLY C 49 1.77 -9.23 -13.35
N PRO C 50 1.86 -9.39 -14.67
CA PRO C 50 3.15 -9.39 -15.34
C PRO C 50 3.66 -7.94 -15.46
N ALA C 51 4.89 -7.78 -15.93
CA ALA C 51 5.48 -6.47 -16.03
C ALA C 51 4.70 -5.57 -16.98
N PRO C 52 4.70 -4.24 -16.73
CA PRO C 52 4.17 -3.34 -17.73
C PRO C 52 4.78 -3.55 -19.12
N SER C 53 6.07 -3.89 -19.19
CA SER C 53 6.73 -4.11 -20.48
C SER C 53 6.18 -5.34 -21.18
N VAL C 54 5.71 -6.31 -20.38
CA VAL C 54 5.14 -7.56 -20.90
C VAL C 54 3.74 -7.27 -21.46
N LEU C 55 2.97 -6.45 -20.75
CA LEU C 55 1.67 -6.04 -21.29
C LEU C 55 1.85 -5.30 -22.60
N LEU C 56 2.85 -4.43 -22.67
CA LEU C 56 3.15 -3.73 -23.92
C LEU C 56 3.53 -4.72 -25.04
N ALA C 57 4.36 -5.71 -24.71
CA ALA C 57 4.76 -6.73 -25.69
C ALA C 57 3.58 -7.51 -26.22
N ILE C 58 2.64 -7.86 -25.33
CA ILE C 58 1.43 -8.56 -25.75
C ILE C 58 0.61 -7.70 -26.71
N ARG C 59 0.42 -6.43 -26.36
CA ARG C 59 -0.39 -5.55 -27.19
C ARG C 59 0.25 -5.32 -28.54
N GLN C 60 1.58 -5.25 -28.55
CA GLN C 60 2.32 -5.11 -29.79
C GLN C 60 2.32 -6.38 -30.64
N ALA C 61 2.24 -7.54 -30.01
CA ALA C 61 2.24 -8.83 -30.68
C ALA C 61 0.88 -9.22 -31.26
N ALA C 62 -0.18 -8.57 -30.80
CA ALA C 62 -1.56 -8.90 -31.16
C ALA C 62 -1.73 -9.00 -32.66
N GLY C 63 -1.16 -8.04 -33.40
CA GLY C 63 -1.31 -8.02 -34.84
C GLY C 63 -0.65 -9.17 -35.58
N ASP C 64 0.24 -9.89 -34.92
CA ASP C 64 0.93 -11.05 -35.51
C ASP C 64 0.30 -12.39 -35.13
N THR C 65 -0.87 -12.35 -34.49
CA THR C 65 -1.43 -13.60 -33.97
CA THR C 65 -1.51 -13.58 -33.96
C THR C 65 -2.01 -14.51 -35.06
N TRP C 66 -2.02 -14.04 -36.29
CA TRP C 66 -2.42 -14.88 -37.40
C TRP C 66 -1.33 -15.89 -37.78
N LYS C 67 -0.11 -15.68 -37.28
CA LYS C 67 0.99 -16.59 -37.56
C LYS C 67 1.08 -17.67 -36.50
N TYR C 68 1.41 -18.90 -36.88
CA TYR C 68 1.81 -19.91 -35.90
C TYR C 68 3.10 -19.46 -35.22
N ALA C 69 3.25 -19.86 -33.96
CA ALA C 69 4.56 -19.73 -33.29
C ALA C 69 5.65 -20.51 -34.02
N ASP C 70 6.89 -20.08 -33.84
CA ASP C 70 8.03 -20.84 -34.32
C ASP C 70 8.02 -22.20 -33.68
N PRO C 71 7.87 -23.29 -34.47
CA PRO C 71 7.84 -24.61 -33.84
C PRO C 71 9.14 -25.02 -33.12
N GLU C 72 10.26 -24.40 -33.49
CA GLU C 72 11.54 -24.63 -32.83
C GLU C 72 11.71 -23.82 -31.54
N ASN C 73 10.85 -22.83 -31.31
CA ASN C 73 10.92 -21.96 -30.14
C ASN C 73 12.33 -21.37 -29.99
N HIS C 74 12.93 -20.99 -31.11
CA HIS C 74 14.35 -20.63 -31.10
C HIS C 74 14.64 -19.42 -30.22
N ASP C 75 13.92 -18.32 -30.43
CA ASP C 75 14.22 -17.09 -29.68
C ASP C 75 13.97 -17.29 -28.17
N LEU C 76 12.92 -18.02 -27.80
CA LEU C 76 12.65 -18.27 -26.40
C LEU C 76 13.73 -19.16 -25.76
N LYS C 77 14.13 -20.23 -26.44
CA LYS C 77 15.19 -21.10 -25.90
C LYS C 77 16.51 -20.37 -25.77
N GLN C 78 16.82 -19.54 -26.76
CA GLN C 78 18.06 -18.74 -26.68
C GLN C 78 17.99 -17.78 -25.50
N ALA C 79 16.84 -17.12 -25.31
CA ALA C 79 16.70 -16.17 -24.21
C ALA C 79 16.84 -16.84 -22.88
N LEU C 80 16.21 -18.01 -22.74
CA LEU C 80 16.37 -18.81 -21.53
C LEU C 80 17.81 -19.23 -21.30
N ALA C 81 18.47 -19.70 -22.36
CA ALA C 81 19.83 -20.18 -22.25
C ALA C 81 20.78 -19.06 -21.81
N ARG C 82 20.60 -17.88 -22.38
CA ARG C 82 21.42 -16.73 -22.01
C ARG C 82 21.21 -16.34 -20.56
N HIS C 83 19.96 -16.36 -20.13
CA HIS C 83 19.63 -16.01 -18.77
C HIS C 83 20.16 -17.01 -17.74
N LEU C 84 20.04 -18.29 -18.06
CA LEU C 84 20.36 -19.38 -17.15
C LEU C 84 21.80 -19.81 -17.15
N GLY C 85 22.53 -19.50 -18.22
CA GLY C 85 23.88 -19.94 -18.41
C GLY C 85 24.02 -21.40 -18.78
N THR C 86 23.09 -21.92 -19.57
CA THR C 86 23.11 -23.31 -20.02
C THR C 86 22.80 -23.28 -21.49
N SER C 87 22.93 -24.41 -22.16
CA SER C 87 22.63 -24.49 -23.59
C SER C 87 21.15 -24.67 -23.87
N PRO C 88 20.65 -24.11 -24.98
CA PRO C 88 19.27 -24.44 -25.42
C PRO C 88 19.08 -25.91 -25.75
N ALA C 89 20.18 -26.64 -26.01
CA ALA C 89 20.09 -28.06 -26.27
C ALA C 89 19.55 -28.81 -25.06
N ASN C 90 19.67 -28.20 -23.89
CA ASN C 90 19.22 -28.79 -22.61
C ASN C 90 17.77 -28.43 -22.31
N ILE C 91 17.11 -27.68 -23.19
CA ILE C 91 15.82 -27.04 -22.85
C ILE C 91 14.72 -27.58 -23.77
N ALA C 92 13.57 -27.92 -23.17
CA ALA C 92 12.36 -28.18 -23.90
C ALA C 92 11.31 -27.15 -23.45
N ILE C 93 10.43 -26.79 -24.36
CA ILE C 93 9.35 -25.80 -24.11
C ILE C 93 8.03 -26.55 -24.17
N GLY C 94 7.12 -26.20 -23.28
CA GLY C 94 5.79 -26.80 -23.29
C GLY C 94 4.73 -25.89 -22.71
N GLU C 95 3.52 -26.43 -22.66
CA GLU C 95 2.32 -25.67 -22.33
C GLU C 95 2.19 -25.63 -20.83
N GLY C 96 3.05 -24.85 -20.22
CA GLY C 96 3.16 -24.80 -18.77
C GLY C 96 3.83 -26.03 -18.23
N ILE C 97 4.15 -26.01 -16.95
CA ILE C 97 4.61 -27.22 -16.29
C ILE C 97 3.57 -28.33 -16.41
N ASP C 98 2.30 -27.98 -16.30
CA ASP C 98 1.24 -29.03 -16.36
C ASP C 98 1.30 -29.79 -17.69
N GLY C 99 1.54 -29.08 -18.79
CA GLY C 99 1.64 -29.71 -20.08
C GLY C 99 2.88 -30.60 -20.14
N LEU C 100 3.99 -30.06 -19.66
CA LEU C 100 5.23 -30.82 -19.60
C LEU C 100 5.12 -32.07 -18.75
N LEU C 101 4.41 -31.99 -17.63
CA LEU C 101 4.25 -33.13 -16.76
C LEU C 101 3.49 -34.24 -17.49
N GLY C 102 2.46 -33.87 -18.25
CA GLY C 102 1.73 -34.85 -19.02
C GLY C 102 2.64 -35.55 -20.02
N GLN C 103 3.47 -34.77 -20.66
CA GLN C 103 4.42 -35.33 -21.65
C GLN C 103 5.43 -36.26 -20.97
N ILE C 104 5.96 -35.85 -19.81
CA ILE C 104 6.93 -36.68 -19.09
C ILE C 104 6.31 -38.02 -18.72
N VAL C 105 5.09 -37.99 -18.20
CA VAL C 105 4.42 -39.23 -17.88
C VAL C 105 4.26 -40.11 -19.13
N ARG C 106 3.84 -39.50 -20.25
CA ARG C 106 3.71 -40.23 -21.50
C ARG C 106 5.04 -40.89 -21.93
N LEU C 107 6.14 -40.19 -21.70
CA LEU C 107 7.45 -40.66 -22.18
C LEU C 107 7.91 -41.92 -21.45
N VAL C 108 7.44 -42.12 -20.21
CA VAL C 108 7.98 -43.15 -19.33
CA VAL C 108 7.98 -43.24 -19.40
C VAL C 108 6.97 -44.22 -18.84
N VAL C 109 5.71 -43.85 -18.74
CA VAL C 109 4.76 -44.69 -18.00
C VAL C 109 3.90 -45.56 -18.91
N GLU C 110 4.11 -46.86 -18.75
CA GLU C 110 3.29 -47.89 -19.40
CA GLU C 110 3.29 -47.89 -19.40
C GLU C 110 2.19 -48.30 -18.43
N ALA C 111 1.07 -48.82 -18.97
CA ALA C 111 -0.02 -49.25 -18.11
C ALA C 111 0.49 -50.17 -17.01
N GLY C 112 0.13 -49.85 -15.79
CA GLY C 112 0.50 -50.60 -14.62
C GLY C 112 1.81 -50.24 -13.98
N ALA C 113 2.63 -49.41 -14.64
CA ALA C 113 3.93 -49.03 -14.03
C ALA C 113 3.70 -48.18 -12.78
N PRO C 114 4.43 -48.48 -11.71
CA PRO C 114 4.35 -47.65 -10.50
C PRO C 114 5.05 -46.31 -10.66
N VAL C 115 4.46 -45.28 -10.09
CA VAL C 115 4.99 -43.94 -10.14
C VAL C 115 4.91 -43.37 -8.73
N VAL C 116 6.04 -42.88 -8.25
CA VAL C 116 6.17 -42.46 -6.86
C VAL C 116 5.99 -40.95 -6.70
N THR C 117 5.18 -40.58 -5.72
CA THR C 117 5.01 -39.17 -5.38
C THR C 117 4.66 -39.03 -3.89
N SER C 118 4.46 -37.82 -3.45
CA SER C 118 4.08 -37.55 -2.06
C SER C 118 2.58 -37.63 -1.89
N LEU C 119 2.17 -38.16 -0.73
CA LEU C 119 0.76 -38.24 -0.37
C LEU C 119 0.22 -36.82 -0.12
N GLY C 120 -0.69 -36.36 -0.96
CA GLY C 120 -1.21 -34.99 -0.87
C GLY C 120 -0.45 -33.99 -1.68
N GLY C 121 0.51 -34.48 -2.48
CA GLY C 121 1.31 -33.63 -3.31
C GLY C 121 0.53 -33.18 -4.56
N TYR C 122 1.23 -32.47 -5.42
CA TYR C 122 0.62 -31.74 -6.55
C TYR C 122 -0.31 -32.62 -7.35
N PRO C 123 -1.62 -32.30 -7.36
CA PRO C 123 -2.60 -33.25 -7.92
C PRO C 123 -2.60 -33.42 -9.42
N THR C 124 -2.14 -32.43 -10.19
CA THR C 124 -2.16 -32.58 -11.65
C THR C 124 -1.22 -33.67 -12.10
N PHE C 125 -0.13 -33.86 -11.35
CA PHE C 125 0.76 -34.92 -11.69
C PHE C 125 -0.02 -36.26 -11.56
N ASN C 126 -0.75 -36.42 -10.46
CA ASN C 126 -1.50 -37.66 -10.22
C ASN C 126 -2.52 -37.88 -11.33
N TYR C 127 -3.17 -36.81 -11.79
CA TYR C 127 -4.11 -36.86 -12.91
C TYR C 127 -3.46 -37.46 -14.16
N HIS C 128 -2.29 -36.95 -14.50
CA HIS C 128 -1.58 -37.49 -15.66
C HIS C 128 -1.17 -38.94 -15.49
N VAL C 129 -0.70 -39.29 -14.29
CA VAL C 129 -0.30 -40.67 -14.05
C VAL C 129 -1.50 -41.59 -14.28
N ALA C 130 -2.63 -41.27 -13.67
CA ALA C 130 -3.81 -42.13 -13.81
C ALA C 130 -4.23 -42.22 -15.27
N GLY C 131 -4.19 -41.09 -15.97
CA GLY C 131 -4.64 -41.04 -17.36
C GLY C 131 -3.80 -41.87 -18.31
N HIS C 132 -2.57 -42.18 -17.91
CA HIS C 132 -1.68 -43.05 -18.71
C HIS C 132 -1.60 -44.46 -18.15
N GLY C 133 -2.42 -44.76 -17.15
CA GLY C 133 -2.51 -46.10 -16.63
C GLY C 133 -1.47 -46.45 -15.58
N GLY C 134 -0.77 -45.44 -15.09
CA GLY C 134 0.21 -45.69 -14.02
C GLY C 134 -0.45 -46.00 -12.69
N ARG C 135 0.30 -46.71 -11.83
CA ARG C 135 -0.14 -47.01 -10.48
C ARG C 135 0.56 -46.07 -9.51
N LEU C 136 -0.19 -45.18 -8.87
CA LEU C 136 0.43 -44.20 -7.98
C LEU C 136 0.86 -44.86 -6.68
N VAL C 137 2.06 -44.54 -6.27
CA VAL C 137 2.64 -44.99 -5.01
C VAL C 137 2.95 -43.73 -4.23
N THR C 138 2.30 -43.55 -3.08
CA THR C 138 2.43 -42.29 -2.35
C THR C 138 3.22 -42.48 -1.06
N VAL C 139 3.98 -41.44 -0.71
CA VAL C 139 4.82 -41.39 0.44
C VAL C 139 4.36 -40.22 1.31
N PRO C 140 3.99 -40.49 2.58
CA PRO C 140 3.57 -39.39 3.43
C PRO C 140 4.64 -38.31 3.57
N TYR C 141 4.21 -37.06 3.73
CA TYR C 141 5.14 -35.97 4.05
C TYR C 141 5.81 -36.29 5.38
N ALA C 142 7.05 -35.81 5.53
CA ALA C 142 7.79 -35.91 6.80
C ALA C 142 7.88 -34.52 7.38
N ASP C 143 7.19 -34.27 8.48
CA ASP C 143 7.19 -32.93 9.09
C ASP C 143 6.99 -31.77 8.06
N ASP C 144 5.93 -31.87 7.29
CA ASP C 144 5.51 -30.79 6.35
C ASP C 144 6.42 -30.68 5.12
N ARG C 145 7.40 -31.58 4.97
CA ARG C 145 8.24 -31.61 3.76
CA ARG C 145 8.26 -31.62 3.77
C ARG C 145 8.03 -32.89 2.96
N GLU C 146 8.19 -32.78 1.67
CA GLU C 146 8.19 -33.97 0.82
C GLU C 146 9.36 -34.83 1.27
N ASP C 147 9.10 -36.09 1.53
CA ASP C 147 10.06 -36.96 2.24
C ASP C 147 11.06 -37.55 1.26
N LEU C 148 12.21 -36.90 1.09
CA LEU C 148 13.21 -37.37 0.13
C LEU C 148 13.64 -38.81 0.34
N GLU C 149 13.98 -39.16 1.59
CA GLU C 149 14.43 -40.51 1.85
C GLU C 149 13.34 -41.53 1.56
N GLY C 150 12.12 -41.15 1.89
CA GLY C 150 10.95 -42.04 1.67
C GLY C 150 10.62 -42.22 0.19
N LEU C 151 10.75 -41.14 -0.58
CA LEU C 151 10.57 -41.22 -2.04
C LEU C 151 11.60 -42.15 -2.66
N LEU C 152 12.85 -42.03 -2.20
CA LEU C 152 13.92 -42.89 -2.69
C LEU C 152 13.64 -44.35 -2.39
N ALA C 153 13.23 -44.62 -1.16
CA ALA C 153 12.94 -46.00 -0.77
C ALA C 153 11.76 -46.58 -1.53
N ALA C 154 10.72 -45.77 -1.76
CA ALA C 154 9.54 -46.25 -2.50
C ALA C 154 9.90 -46.56 -3.94
N VAL C 155 10.76 -45.74 -4.51
CA VAL C 155 11.28 -46.02 -5.86
C VAL C 155 11.98 -47.37 -5.90
N GLY C 156 12.84 -47.59 -4.91
CA GLY C 156 13.59 -48.84 -4.83
C GLY C 156 12.72 -50.08 -4.61
N ARG C 157 11.73 -49.96 -3.74
CA ARG C 157 10.78 -51.04 -3.38
CA ARG C 157 10.80 -51.05 -3.39
C ARG C 157 9.98 -51.49 -4.61
N GLU C 158 9.59 -50.52 -5.42
CA GLU C 158 8.75 -50.74 -6.60
C GLU C 158 9.51 -50.84 -7.93
N ASN C 159 10.81 -50.53 -7.94
CA ASN C 159 11.58 -50.26 -9.18
CA ASN C 159 11.55 -50.29 -9.18
C ASN C 159 10.80 -49.34 -10.10
N ALA C 160 10.30 -48.24 -9.51
CA ALA C 160 9.47 -47.30 -10.24
C ALA C 160 10.28 -46.52 -11.26
N PRO C 161 9.75 -46.38 -12.50
CA PRO C 161 10.51 -45.61 -13.51
C PRO C 161 10.40 -44.10 -13.41
N LEU C 162 9.55 -43.60 -12.50
CA LEU C 162 9.29 -42.19 -12.42
C LEU C 162 8.98 -41.77 -11.00
N VAL C 163 9.54 -40.64 -10.60
CA VAL C 163 9.27 -40.05 -9.27
C VAL C 163 9.18 -38.53 -9.40
N TYR C 164 8.27 -37.95 -8.62
CA TYR C 164 8.00 -36.52 -8.62
C TYR C 164 8.45 -35.89 -7.31
N LEU C 165 9.09 -34.74 -7.42
CA LEU C 165 9.45 -33.90 -6.27
C LEU C 165 9.22 -32.44 -6.65
N ALA C 166 8.48 -31.71 -5.83
CA ALA C 166 8.38 -30.25 -6.00
C ALA C 166 9.23 -29.57 -4.95
N ASN C 167 10.12 -28.67 -5.36
CA ASN C 167 10.92 -27.93 -4.40
C ASN C 167 11.12 -26.49 -4.89
N PRO C 168 10.53 -25.48 -4.23
CA PRO C 168 9.65 -25.61 -3.07
C PRO C 168 8.37 -26.40 -3.35
N ASP C 169 7.76 -26.84 -2.26
CA ASP C 169 6.59 -27.71 -2.30
C ASP C 169 5.26 -26.92 -2.38
N ASN C 170 4.29 -27.53 -3.06
CA ASN C 170 2.88 -27.12 -3.05
C ASN C 170 2.15 -28.38 -2.55
N PRO C 171 1.38 -28.31 -1.47
CA PRO C 171 0.74 -27.12 -0.93
C PRO C 171 1.29 -26.56 0.39
N GLY C 173 4.38 -25.24 1.02
CA GLY C 173 5.30 -24.11 0.85
C GLY C 173 6.72 -24.35 1.39
N SER C 174 6.97 -25.56 1.89
CA SER C 174 8.24 -25.93 2.48
C SER C 174 9.29 -26.20 1.42
N TRP C 175 10.53 -26.36 1.87
CA TRP C 175 11.62 -26.59 0.93
C TRP C 175 12.79 -27.30 1.64
N TRP C 176 13.65 -27.88 0.80
CA TRP C 176 14.89 -28.50 1.21
C TRP C 176 16.06 -27.67 0.70
N PRO C 177 17.19 -27.71 1.42
CA PRO C 177 18.41 -27.17 0.86
C PRO C 177 18.82 -27.89 -0.41
N ALA C 178 19.44 -27.13 -1.31
CA ALA C 178 19.92 -27.65 -2.58
C ALA C 178 20.73 -28.93 -2.46
N GLU C 179 21.64 -28.99 -1.48
CA GLU C 179 22.51 -30.15 -1.32
C GLU C 179 21.73 -31.44 -1.02
N ARG C 180 20.63 -31.32 -0.28
CA ARG C 180 19.79 -32.48 0.01
C ARG C 180 19.04 -32.95 -1.23
N VAL C 181 18.57 -31.99 -2.03
CA VAL C 181 17.89 -32.34 -3.27
C VAL C 181 18.88 -33.03 -4.26
N VAL C 182 20.08 -32.50 -4.37
CA VAL C 182 21.09 -33.09 -5.24
C VAL C 182 21.43 -34.51 -4.77
N ALA C 183 21.63 -34.68 -3.47
CA ALA C 183 21.99 -36.00 -2.95
C ALA C 183 20.88 -37.02 -3.24
N PHE C 184 19.63 -36.58 -3.09
CA PHE C 184 18.45 -37.41 -3.41
C PHE C 184 18.48 -37.81 -4.89
N ALA C 185 18.65 -36.81 -5.73
CA ALA C 185 18.66 -37.06 -7.19
C ALA C 185 19.78 -38.01 -7.60
N GLN C 186 20.96 -37.85 -7.01
CA GLN C 186 22.14 -38.67 -7.32
C GLN C 186 22.00 -40.08 -6.78
N ALA C 187 21.19 -40.25 -5.74
CA ALA C 187 20.98 -41.58 -5.15
C ALA C 187 20.01 -42.47 -5.90
N LEU C 188 19.13 -41.87 -6.71
CA LEU C 188 18.15 -42.64 -7.47
C LEU C 188 18.85 -43.56 -8.44
N PRO C 189 18.28 -44.73 -8.71
CA PRO C 189 18.76 -45.53 -9.82
C PRO C 189 18.69 -44.77 -11.15
N GLU C 190 19.65 -44.97 -12.05
CA GLU C 190 19.62 -44.22 -13.32
C GLU C 190 18.48 -44.69 -14.21
N THR C 191 17.84 -45.78 -13.83
CA THR C 191 16.65 -46.30 -14.52
C THR C 191 15.33 -45.71 -13.99
N THR C 192 15.42 -44.73 -13.09
CA THR C 192 14.27 -43.95 -12.61
C THR C 192 14.46 -42.48 -12.97
N LEU C 193 13.45 -41.89 -13.61
CA LEU C 193 13.48 -40.49 -13.95
C LEU C 193 12.89 -39.68 -12.81
N LEU C 194 13.62 -38.66 -12.38
CA LEU C 194 13.13 -37.66 -11.44
C LEU C 194 12.64 -36.44 -12.19
N VAL C 195 11.38 -36.04 -11.92
CA VAL C 195 10.92 -34.73 -12.33
CA VAL C 195 10.86 -34.75 -12.29
C VAL C 195 10.95 -33.84 -11.08
N LEU C 196 11.78 -32.81 -11.17
CA LEU C 196 11.98 -31.85 -10.11
C LEU C 196 11.21 -30.57 -10.51
N ASP C 197 10.07 -30.38 -9.88
CA ASP C 197 9.15 -29.30 -10.21
C ASP C 197 9.56 -28.04 -9.46
N GLU C 198 10.09 -27.08 -10.21
CA GLU C 198 10.57 -25.81 -9.67
C GLU C 198 9.69 -24.63 -10.08
N ALA C 199 8.39 -24.87 -10.05
CA ALA C 199 7.42 -23.81 -10.28
C ALA C 199 7.66 -22.58 -9.42
N TYR C 200 8.19 -22.79 -8.21
CA TYR C 200 8.46 -21.70 -7.26
CA TYR C 200 8.48 -21.69 -7.27
C TYR C 200 9.93 -21.27 -7.14
N GLU C 202 11.40 -18.81 -8.48
CA GLU C 202 11.62 -17.36 -8.42
C GLU C 202 11.39 -16.76 -7.04
N THR C 203 10.58 -17.43 -6.22
CA THR C 203 10.30 -16.96 -4.86
C THR C 203 11.14 -17.67 -3.79
N ALA C 204 11.93 -18.66 -4.18
CA ALA C 204 12.71 -19.47 -3.24
C ALA C 204 13.99 -18.79 -2.79
N PRO C 205 14.46 -19.11 -1.58
CA PRO C 205 15.84 -18.73 -1.24
C PRO C 205 16.79 -19.38 -2.20
N ARG C 206 17.88 -18.71 -2.54
CA ARG C 206 18.78 -19.27 -3.53
C ARG C 206 19.38 -20.60 -3.06
N ASP C 207 19.55 -20.77 -1.76
CA ASP C 207 20.15 -21.99 -1.28
CA ASP C 207 20.11 -21.98 -1.18
C ASP C 207 19.22 -23.22 -1.29
N ALA C 208 17.99 -23.04 -1.78
CA ALA C 208 17.05 -24.18 -1.99
C ALA C 208 17.24 -24.83 -3.31
N LEU C 209 17.86 -24.12 -4.25
CA LEU C 209 17.84 -24.55 -5.65
C LEU C 209 19.18 -25.12 -6.11
N PRO C 210 19.19 -26.38 -6.55
CA PRO C 210 20.46 -26.90 -7.07
C PRO C 210 21.01 -26.05 -8.21
N PRO C 211 22.32 -25.80 -8.21
CA PRO C 211 22.91 -25.18 -9.40
C PRO C 211 22.59 -26.00 -10.65
N ILE C 212 22.48 -25.35 -11.80
CA ILE C 212 22.19 -26.12 -13.02
C ILE C 212 23.23 -27.20 -13.29
N GLU C 213 24.49 -26.84 -13.11
CA GLU C 213 25.56 -27.78 -13.39
C GLU C 213 25.53 -29.03 -12.49
N SER C 214 24.88 -28.97 -11.34
CA SER C 214 24.88 -30.14 -10.43
C SER C 214 24.06 -31.32 -10.93
N LEU C 215 23.10 -31.05 -11.80
CA LEU C 215 22.20 -32.10 -12.29
C LEU C 215 22.11 -32.21 -13.80
N ILE C 216 22.64 -31.23 -14.53
CA ILE C 216 22.38 -31.14 -15.98
C ILE C 216 22.93 -32.30 -16.81
N ASP C 217 23.92 -33.03 -16.28
CA ASP C 217 24.49 -34.19 -16.99
C ASP C 217 23.79 -35.51 -16.70
N LYS C 218 22.77 -35.48 -15.84
CA LYS C 218 22.08 -36.73 -15.49
CA LYS C 218 22.08 -36.72 -15.45
C LYS C 218 20.96 -37.05 -16.46
N PRO C 219 21.01 -38.21 -17.13
CA PRO C 219 19.98 -38.52 -18.10
C PRO C 219 18.62 -38.75 -17.47
N ASN C 220 18.61 -38.98 -16.16
CA ASN C 220 17.42 -39.32 -15.41
C ASN C 220 16.93 -38.20 -14.49
N VAL C 221 17.27 -36.96 -14.80
CA VAL C 221 16.71 -35.82 -14.09
C VAL C 221 16.19 -34.79 -15.09
N ILE C 222 14.98 -34.32 -14.83
CA ILE C 222 14.41 -33.22 -15.57
CA ILE C 222 14.35 -33.23 -15.58
C ILE C 222 13.83 -32.20 -14.60
N ARG C 223 14.16 -30.94 -14.79
CA ARG C 223 13.69 -29.85 -13.93
C ARG C 223 12.67 -29.02 -14.72
N ALA C 224 11.58 -28.63 -14.08
CA ALA C 224 10.51 -27.91 -14.76
C ALA C 224 10.29 -26.55 -14.12
N ARG C 225 10.16 -25.52 -14.94
CA ARG C 225 9.93 -24.16 -14.50
C ARG C 225 8.84 -23.50 -15.33
N THR C 226 8.32 -22.38 -14.82
CA THR C 226 7.11 -21.78 -15.42
C THR C 226 7.15 -20.26 -15.43
N PHE C 227 6.36 -19.69 -16.33
CA PHE C 227 6.06 -18.27 -16.30
C PHE C 227 4.73 -17.95 -15.61
N SER C 228 4.09 -18.97 -15.04
CA SER C 228 2.72 -18.83 -14.49
C SER C 228 2.62 -18.19 -13.13
N LYS C 229 3.71 -18.16 -12.39
CA LYS C 229 3.66 -17.77 -10.99
C LYS C 229 4.26 -16.36 -10.82
N ALA C 230 5.49 -16.23 -10.32
CA ALA C 230 6.09 -14.91 -10.12
C ALA C 230 6.08 -14.03 -11.38
N TYR C 231 6.26 -14.62 -12.56
CA TYR C 231 6.26 -13.84 -13.78
C TYR C 231 4.86 -13.31 -14.20
N GLY C 232 3.80 -13.86 -13.63
CA GLY C 232 2.45 -13.33 -13.82
C GLY C 232 1.79 -13.68 -15.15
N LEU C 233 2.12 -14.84 -15.72
CA LEU C 233 1.61 -15.23 -17.03
C LEU C 233 0.88 -16.58 -17.05
N ALA C 234 0.15 -16.88 -15.98
CA ALA C 234 -0.57 -18.16 -15.91
C ALA C 234 -1.45 -18.42 -17.13
N GLY C 235 -2.16 -17.40 -17.58
CA GLY C 235 -3.07 -17.51 -18.74
C GLY C 235 -2.37 -17.74 -20.07
N ALA C 236 -1.06 -17.52 -20.12
CA ALA C 236 -0.26 -17.71 -21.37
C ALA C 236 0.31 -19.11 -21.61
N ARG C 237 0.37 -19.93 -20.57
CA ARG C 237 0.80 -21.33 -20.63
C ARG C 237 2.18 -21.52 -21.22
N ILE C 238 3.20 -21.01 -20.54
CA ILE C 238 4.58 -21.20 -21.01
C ILE C 238 5.42 -21.82 -19.91
N GLY C 239 5.91 -23.02 -20.15
CA GLY C 239 6.79 -23.69 -19.24
C GLY C 239 8.02 -24.19 -19.97
N TYR C 240 9.04 -24.58 -19.22
CA TYR C 240 10.25 -25.13 -19.82
CA TYR C 240 10.24 -25.16 -19.82
C TYR C 240 10.91 -26.14 -18.90
N THR C 241 11.73 -27.00 -19.49
CA THR C 241 12.46 -28.00 -18.72
C THR C 241 13.93 -27.90 -18.99
N LEU C 242 14.70 -28.39 -18.04
CA LEU C 242 16.16 -28.48 -18.12
C LEU C 242 16.56 -29.94 -17.92
N SER C 243 17.32 -30.47 -18.87
CA SER C 243 17.70 -31.87 -18.84
C SER C 243 18.91 -32.07 -19.72
N THR C 244 19.33 -33.33 -19.89
CA THR C 244 20.33 -33.59 -20.92
C THR C 244 19.72 -33.35 -22.30
N PRO C 245 20.57 -33.19 -23.30
CA PRO C 245 20.00 -33.01 -24.65
C PRO C 245 19.22 -34.21 -25.15
N GLY C 246 19.65 -35.44 -24.80
CA GLY C 246 18.91 -36.63 -25.24
C GLY C 246 17.52 -36.69 -24.62
N THR C 247 17.44 -36.31 -23.35
CA THR C 247 16.14 -36.29 -22.68
C THR C 247 15.26 -35.16 -23.21
N ALA C 248 15.86 -33.99 -23.48
CA ALA C 248 15.12 -32.87 -24.05
C ALA C 248 14.56 -33.20 -25.42
N GLN C 249 15.35 -33.92 -26.23
CA GLN C 249 14.97 -34.26 -27.60
C GLN C 249 13.76 -35.16 -27.64
N ALA C 250 13.56 -35.96 -26.58
CA ALA C 250 12.45 -36.90 -26.57
C ALA C 250 11.12 -36.17 -26.67
N PHE C 251 11.03 -34.94 -26.17
CA PHE C 251 9.78 -34.17 -26.26
C PHE C 251 9.40 -33.91 -27.71
N ASP C 252 10.38 -33.87 -28.60
CA ASP C 252 10.10 -33.65 -30.03
C ASP C 252 9.38 -34.83 -30.69
N LYS C 253 9.40 -35.98 -30.03
CA LYS C 253 8.73 -37.16 -30.56
C LYS C 253 7.24 -37.15 -30.32
N ILE C 254 6.81 -36.38 -29.32
CA ILE C 254 5.43 -36.44 -28.84
C ILE C 254 4.83 -35.08 -28.51
N ARG C 255 5.31 -34.03 -29.12
CA ARG C 255 4.75 -32.72 -28.76
C ARG C 255 4.09 -32.19 -29.95
N ASN C 256 3.10 -31.32 -29.71
CA ASN C 256 2.47 -30.58 -30.80
C ASN C 256 3.42 -29.44 -31.12
N HIS C 257 4.13 -29.62 -32.23
CA HIS C 257 5.27 -28.77 -32.61
CA HIS C 257 5.27 -28.77 -32.63
C HIS C 257 4.91 -27.30 -32.78
N PHE C 258 3.71 -27.05 -33.29
CA PHE C 258 3.26 -25.67 -33.49
C PHE C 258 2.29 -25.25 -32.39
N GLY C 259 2.37 -25.94 -31.27
CA GLY C 259 1.36 -25.82 -30.22
C GLY C 259 1.47 -24.57 -29.38
N SER C 261 1.42 -20.88 -27.99
CA SER C 261 0.78 -19.61 -28.24
C SER C 261 1.84 -18.57 -28.70
N ARG C 262 1.61 -17.97 -29.85
CA ARG C 262 2.54 -16.98 -30.35
C ARG C 262 2.62 -15.75 -29.43
N ILE C 263 1.47 -15.27 -28.96
CA ILE C 263 1.46 -14.15 -28.04
C ILE C 263 2.11 -14.54 -26.70
N GLY C 264 1.84 -15.75 -26.22
CA GLY C 264 2.40 -16.21 -24.96
C GLY C 264 3.93 -16.28 -25.03
N VAL C 265 4.45 -16.76 -26.17
CA VAL C 265 5.92 -16.83 -26.33
C VAL C 265 6.53 -15.41 -26.30
N ALA C 266 5.88 -14.47 -27.01
CA ALA C 266 6.32 -13.08 -26.97
C ALA C 266 6.31 -12.53 -25.54
N ALA C 267 5.24 -12.84 -24.81
CA ALA C 267 5.09 -12.38 -23.42
C ALA C 267 6.21 -12.96 -22.53
N ALA C 268 6.50 -14.24 -22.70
CA ALA C 268 7.56 -14.90 -21.92
C ALA C 268 8.94 -14.34 -22.19
N ILE C 269 9.22 -14.08 -23.47
CA ILE C 269 10.50 -13.47 -23.83
C ILE C 269 10.60 -12.09 -23.16
N ALA C 270 9.52 -11.31 -23.22
CA ALA C 270 9.52 -9.99 -22.56
C ALA C 270 9.65 -10.12 -21.04
N ALA C 271 9.00 -11.12 -20.46
CA ALA C 271 9.04 -11.32 -19.01
C ALA C 271 10.46 -11.63 -18.55
N LEU C 272 11.15 -12.49 -19.30
CA LEU C 272 12.53 -12.84 -18.99
CA LEU C 272 12.55 -12.83 -18.98
C LEU C 272 13.42 -11.60 -19.05
N ALA C 273 13.16 -10.74 -20.04
CA ALA C 273 13.94 -9.52 -20.20
C ALA C 273 13.77 -8.56 -19.03
N ASP C 274 12.62 -8.55 -18.38
CA ASP C 274 12.34 -7.56 -17.35
C ASP C 274 12.63 -8.15 -15.97
N GLN C 275 13.91 -8.38 -15.72
CA GLN C 275 14.34 -8.88 -14.42
C GLN C 275 14.12 -7.86 -13.30
N ASP C 276 14.18 -6.55 -13.63
CA ASP C 276 13.89 -5.52 -12.62
C ASP C 276 12.47 -5.70 -12.08
N TYR C 277 11.52 -5.93 -12.97
CA TYR C 277 10.16 -6.16 -12.54
C TYR C 277 10.04 -7.43 -11.71
N LEU C 278 10.72 -8.49 -12.14
CA LEU C 278 10.69 -9.73 -11.37
C LEU C 278 11.19 -9.51 -9.95
N LYS C 279 12.27 -8.75 -9.81
CA LYS C 279 12.82 -8.43 -8.47
C LYS C 279 11.79 -7.67 -7.63
N GLU C 280 11.18 -6.66 -8.23
CA GLU C 280 10.15 -5.89 -7.56
C GLU C 280 8.99 -6.77 -7.12
N VAL C 281 8.49 -7.63 -8.02
CA VAL C 281 7.33 -8.41 -7.70
C VAL C 281 7.62 -9.48 -6.63
N THR C 282 8.82 -10.05 -6.68
CA THR C 282 9.18 -11.08 -5.68
C THR C 282 9.27 -10.44 -4.30
N LEU C 283 9.70 -9.18 -4.23
CA LEU C 283 9.67 -8.47 -2.93
C LEU C 283 8.22 -8.23 -2.48
N LYS C 284 7.34 -7.87 -3.41
CA LYS C 284 5.92 -7.72 -3.07
C LYS C 284 5.29 -9.02 -2.62
N ILE C 285 5.65 -10.11 -3.28
CA ILE C 285 5.16 -11.44 -2.86
C ILE C 285 5.61 -11.77 -1.45
N ALA C 286 6.90 -11.52 -1.17
CA ALA C 286 7.43 -11.79 0.18
C ALA C 286 6.68 -10.97 1.23
N ASN C 287 6.44 -9.70 0.92
CA ASN C 287 5.70 -8.84 1.83
CA ASN C 287 5.70 -8.84 1.85
C ASN C 287 4.30 -9.36 2.08
N SER C 288 3.64 -9.82 1.02
CA SER C 288 2.30 -10.39 1.14
C SER C 288 2.33 -11.67 1.97
N ARG C 289 3.36 -12.50 1.82
CA ARG C 289 3.45 -13.71 2.67
C ARG C 289 3.48 -13.32 4.17
N GLN C 290 4.25 -12.27 4.47
CA GLN C 290 4.35 -11.77 5.85
CA GLN C 290 4.36 -11.73 5.83
C GLN C 290 2.98 -11.23 6.33
N ARG C 291 2.28 -10.52 5.46
CA ARG C 291 0.95 -10.02 5.78
C ARG C 291 -0.04 -11.17 6.06
N ILE C 292 -0.03 -12.20 5.23
CA ILE C 292 -0.90 -13.35 5.43
C ILE C 292 -0.58 -14.00 6.79
N GLY C 293 0.70 -14.12 7.08
CA GLY C 293 1.13 -14.68 8.38
C GLY C 293 0.60 -13.89 9.55
N ARG C 294 0.67 -12.56 9.45
CA ARG C 294 0.13 -11.66 10.48
C ARG C 294 -1.40 -11.83 10.65
N ILE C 295 -2.09 -11.87 9.52
CA ILE C 295 -3.56 -12.07 9.52
C ILE C 295 -3.90 -13.41 10.16
N ALA C 296 -3.19 -14.46 9.78
CA ALA C 296 -3.45 -15.81 10.30
C ALA C 296 -3.24 -15.83 11.81
N ALA C 297 -2.12 -15.28 12.25
CA ALA C 297 -1.79 -15.25 13.68
C ALA C 297 -2.81 -14.44 14.47
N ASP C 298 -3.25 -13.31 13.89
CA ASP C 298 -4.27 -12.47 14.53
C ASP C 298 -5.60 -13.20 14.74
N SER C 299 -5.86 -14.20 13.92
CA SER C 299 -7.07 -15.04 14.06
C SER C 299 -6.84 -16.34 14.84
N GLY C 300 -5.68 -16.47 15.46
CA GLY C 300 -5.36 -17.65 16.25
C GLY C 300 -4.96 -18.86 15.46
N LEU C 301 -4.55 -18.66 14.21
CA LEU C 301 -4.11 -19.75 13.33
C LEU C 301 -2.59 -19.75 13.26
N ALA C 302 -2.04 -20.80 12.68
CA ALA C 302 -0.58 -20.97 12.62
C ALA C 302 -0.08 -20.98 11.18
N PRO C 303 0.47 -19.85 10.70
CA PRO C 303 1.04 -19.87 9.35
C PRO C 303 2.36 -20.65 9.33
N LEU C 304 2.63 -21.30 8.18
CA LEU C 304 3.81 -22.10 8.00
CA LEU C 304 3.82 -22.10 8.01
C LEU C 304 4.82 -21.35 7.13
N PRO C 305 6.11 -21.59 7.34
CA PRO C 305 7.12 -20.93 6.51
C PRO C 305 6.89 -21.23 5.05
N SER C 306 7.22 -20.29 4.18
CA SER C 306 6.96 -20.50 2.76
C SER C 306 8.07 -19.95 1.89
N ALA C 307 8.37 -20.68 0.82
CA ALA C 307 9.24 -20.21 -0.24
C ALA C 307 8.49 -20.07 -1.58
N THR C 308 7.18 -19.92 -1.49
CA THR C 308 6.33 -19.90 -2.67
C THR C 308 5.62 -18.54 -2.80
N ASN C 309 4.57 -18.47 -3.63
CA ASN C 309 3.72 -17.29 -3.65
C ASN C 309 2.40 -17.47 -2.87
N PHE C 310 2.39 -18.36 -1.90
CA PHE C 310 1.23 -18.61 -1.03
C PHE C 310 1.75 -18.93 0.37
N VAL C 311 0.83 -18.99 1.32
CA VAL C 311 1.13 -19.39 2.67
C VAL C 311 0.14 -20.47 3.06
N ALA C 312 0.65 -21.61 3.53
CA ALA C 312 -0.18 -22.62 4.17
C ALA C 312 -0.40 -22.22 5.63
N VAL C 313 -1.62 -22.40 6.08
CA VAL C 313 -2.02 -22.01 7.43
C VAL C 313 -2.66 -23.20 8.14
N ASP C 314 -2.08 -23.58 9.28
CA ASP C 314 -2.58 -24.68 10.10
C ASP C 314 -3.71 -24.11 10.95
N CYS C 315 -4.90 -24.66 10.80
CA CYS C 315 -6.08 -24.07 11.42
C CYS C 315 -6.31 -24.69 12.79
N GLY C 316 -5.46 -25.65 13.15
CA GLY C 316 -5.34 -26.08 14.54
C GLY C 316 -6.40 -27.06 15.00
N LYS C 317 -7.25 -27.50 14.09
CA LYS C 317 -8.31 -28.44 14.42
C LYS C 317 -8.27 -29.56 13.38
N ASP C 318 -9.39 -29.90 12.77
CA ASP C 318 -9.46 -31.00 11.81
C ASP C 318 -9.72 -30.49 10.38
N ALA C 319 -9.92 -31.43 9.46
CA ALA C 319 -10.19 -31.08 8.06
C ALA C 319 -11.54 -30.39 7.85
N SER C 320 -12.55 -30.79 8.62
CA SER C 320 -13.89 -30.22 8.45
C SER C 320 -13.90 -28.74 8.84
N TYR C 321 -13.04 -28.37 9.79
CA TYR C 321 -12.90 -26.96 10.21
C TYR C 321 -12.26 -26.16 9.08
N ALA C 322 -11.15 -26.66 8.56
CA ALA C 322 -10.47 -26.00 7.43
C ALA C 322 -11.44 -25.83 6.24
N ARG C 323 -12.21 -26.88 5.94
CA ARG C 323 -13.22 -26.81 4.87
C ARG C 323 -14.27 -25.73 5.13
N ALA C 324 -14.74 -25.64 6.35
CA ALA C 324 -15.72 -24.63 6.73
C ALA C 324 -15.16 -23.22 6.53
N ILE C 325 -13.88 -23.03 6.83
CA ILE C 325 -13.23 -21.73 6.62
C ILE C 325 -13.20 -21.38 5.12
N VAL C 326 -12.77 -22.34 4.29
CA VAL C 326 -12.73 -22.12 2.83
C VAL C 326 -14.14 -21.76 2.33
N ASP C 327 -15.14 -22.55 2.74
CA ASP C 327 -16.49 -22.38 2.21
C ASP C 327 -17.13 -21.06 2.65
N ARG C 328 -16.94 -20.69 3.91
CA ARG C 328 -17.48 -19.42 4.40
C ARG C 328 -16.79 -18.19 3.85
N LEU C 329 -15.49 -18.27 3.64
CA LEU C 329 -14.78 -17.16 2.99
C LEU C 329 -15.40 -16.89 1.61
N SER C 331 -18.58 -18.10 0.42
CA SER C 331 -20.02 -17.83 0.51
C SER C 331 -20.34 -16.46 1.09
N ASP C 332 -19.66 -16.08 2.16
CA ASP C 332 -19.97 -14.84 2.89
C ASP C 332 -19.16 -13.64 2.45
N HIS C 333 -17.99 -13.87 1.87
CA HIS C 333 -17.09 -12.76 1.54
C HIS C 333 -16.54 -12.75 0.12
N GLY C 334 -16.86 -13.76 -0.69
CA GLY C 334 -16.36 -13.81 -2.05
C GLY C 334 -14.84 -13.94 -2.10
N ILE C 335 -14.26 -14.55 -1.07
CA ILE C 335 -12.83 -14.78 -1.01
C ILE C 335 -12.58 -16.25 -1.38
N PHE C 336 -11.78 -16.43 -2.43
CA PHE C 336 -11.45 -17.73 -2.99
C PHE C 336 -10.06 -18.14 -2.49
N ILE C 337 -10.03 -19.15 -1.62
CA ILE C 337 -8.80 -19.85 -1.23
C ILE C 337 -8.98 -21.35 -1.51
N ARG C 338 -7.95 -22.15 -1.23
CA ARG C 338 -8.04 -23.59 -1.34
C ARG C 338 -7.45 -24.29 -0.09
N PRO C 340 -5.29 -28.24 1.20
CA PRO C 340 -4.84 -29.59 0.80
C PRO C 340 -5.93 -30.65 0.96
N GLY C 341 -5.68 -31.81 0.38
CA GLY C 341 -6.73 -32.86 0.27
C GLY C 341 -6.51 -34.15 1.04
N VAL C 342 -5.44 -34.24 1.83
CA VAL C 342 -5.17 -35.45 2.65
C VAL C 342 -4.66 -35.08 4.06
N ALA C 343 -4.95 -35.94 5.03
CA ALA C 343 -4.42 -35.76 6.39
C ALA C 343 -2.91 -36.09 6.44
N PRO C 344 -2.14 -35.38 7.29
CA PRO C 344 -2.65 -34.30 8.14
C PRO C 344 -2.50 -32.91 7.51
N LEU C 345 -2.13 -32.87 6.22
CA LEU C 345 -1.98 -31.61 5.49
C LEU C 345 -3.28 -30.82 5.48
N ASN C 346 -4.40 -31.53 5.43
CA ASN C 346 -5.73 -30.89 5.34
C ASN C 346 -6.23 -30.28 6.66
N ARG C 347 -5.41 -30.30 7.70
CA ARG C 347 -5.57 -29.42 8.86
C ARG C 347 -5.36 -27.97 8.41
N CYS C 348 -4.79 -27.79 7.20
CA CYS C 348 -4.41 -26.48 6.68
C CYS C 348 -5.33 -25.92 5.57
N ILE C 349 -5.30 -24.60 5.43
CA ILE C 349 -5.79 -23.91 4.24
C ILE C 349 -4.58 -23.31 3.52
N ARG C 350 -4.75 -22.94 2.26
CA ARG C 350 -3.65 -22.39 1.47
C ARG C 350 -4.10 -21.08 0.87
N ILE C 351 -3.40 -20.00 1.20
CA ILE C 351 -3.80 -18.65 0.82
C ILE C 351 -2.75 -18.03 -0.06
N SER C 352 -3.14 -17.68 -1.28
CA SER C 352 -2.21 -17.08 -2.22
C SER C 352 -1.93 -15.62 -1.88
N THR C 353 -0.71 -15.19 -2.18
CA THR C 353 -0.35 -13.79 -2.06
C THR C 353 -1.11 -12.93 -3.07
N ALA C 354 -1.19 -11.63 -2.76
CA ALA C 354 -1.94 -10.72 -3.58
C ALA C 354 -1.63 -9.29 -3.19
N PRO C 355 -2.04 -8.35 -4.05
CA PRO C 355 -1.94 -6.95 -3.69
C PRO C 355 -2.74 -6.54 -2.45
N ASP C 356 -2.48 -5.30 -2.03
CA ASP C 356 -3.02 -4.82 -0.76
C ASP C 356 -4.52 -4.85 -0.66
N ALA C 357 -5.23 -4.58 -1.76
CA ALA C 357 -6.69 -4.56 -1.72
C ALA C 357 -7.24 -5.91 -1.26
N GLU C 358 -6.72 -6.98 -1.86
CA GLU C 358 -7.10 -8.33 -1.46
C GLU C 358 -6.66 -8.67 -0.03
N ASP C 360 -6.29 -6.58 2.43
CA ASP C 360 -7.17 -5.83 3.33
C ASP C 360 -8.52 -6.52 3.50
N LEU C 361 -9.06 -7.04 2.39
CA LEU C 361 -10.30 -7.80 2.46
CA LEU C 361 -10.31 -7.79 2.48
C LEU C 361 -10.13 -9.04 3.32
N LEU C 362 -9.04 -9.77 3.11
CA LEU C 362 -8.77 -10.99 3.88
C LEU C 362 -8.62 -10.69 5.38
N ALA C 363 -7.94 -9.58 5.70
CA ALA C 363 -7.73 -9.16 7.08
C ALA C 363 -9.03 -8.88 7.82
N ALA C 364 -10.00 -8.35 7.09
CA ALA C 364 -11.33 -8.08 7.67
C ALA C 364 -12.13 -9.37 7.79
N ALA C 365 -12.06 -10.22 6.77
CA ALA C 365 -12.95 -11.36 6.63
C ALA C 365 -12.56 -12.56 7.51
N LEU C 366 -11.27 -12.87 7.59
CA LEU C 366 -10.86 -14.09 8.26
C LEU C 366 -11.23 -14.13 9.75
N PRO C 367 -10.93 -13.05 10.51
CA PRO C 367 -11.46 -13.04 11.90
C PRO C 367 -12.96 -13.26 12.02
N GLU C 368 -13.73 -12.61 11.15
CA GLU C 368 -15.15 -12.78 11.19
C GLU C 368 -15.58 -14.21 10.94
N VAL C 369 -14.92 -14.89 10.00
CA VAL C 369 -15.21 -16.29 9.71
C VAL C 369 -14.88 -17.17 10.93
N ILE C 370 -13.72 -16.93 11.53
CA ILE C 370 -13.29 -17.71 12.68
C ILE C 370 -14.25 -17.47 13.84
N ARG C 371 -14.60 -16.21 14.08
CA ARG C 371 -15.59 -15.85 15.11
C ARG C 371 -16.94 -16.53 14.84
N SER C 372 -17.38 -16.54 13.58
CA SER C 372 -18.69 -17.12 13.22
C SER C 372 -18.72 -18.64 13.38
N LEU C 373 -17.56 -19.28 13.27
CA LEU C 373 -17.47 -20.73 13.45
C LEU C 373 -17.42 -21.16 14.92
N ALA C 374 -17.04 -20.26 15.83
CA ALA C 374 -16.90 -20.60 17.25
C ALA C 374 -18.24 -20.76 17.97
#